data_6VHU
#
_entry.id   6VHU
#
_cell.length_a   71.949
_cell.length_b   59.114
_cell.length_c   80.408
_cell.angle_alpha   90.000
_cell.angle_beta   101.124
_cell.angle_gamma   90.000
#
_symmetry.space_group_name_H-M   'P 1 21 1'
#
loop_
_entity.id
_entity.type
_entity.pdbx_description
1 polymer 'NpsA Adenylation Domain'
2 non-polymer 'CHLORIDE ION'
3 non-polymer 'POTASSIUM ION'
4 non-polymer 'BROMIDE ION'
5 non-polymer '4-(2-HYDROXYETHYL)-1-PIPERAZINE ETHANESULFONIC ACID'
6 water water
#
_entity_poly.entity_id   1
_entity_poly.type   'polypeptide(L)'
_entity_poly.pdbx_seq_one_letter_code
;GHMTHSAYVYQLKAVPDIFDEISQRFPDRVALIFDQRKITYRELAEQCSALAAVLQNNCLIKGDIVAIKIERSPELYIFM
LALMKIGAVMVPVNSNSPERYIGEVLSAAGARYLISDDVTSVPGGAWHVLSSRTLIQNCTQQRSGNYPVLSADDPALILM
TSGSTGKPKSVLIAHRGIARLGLPVPALGNSERDCYLQIADISFAASANEIWMALLTGACLTIAPPGLPDLMALARQIES
DNVTMLFLSGGLFRLFVEVSVETLHIPDCVVVSGDFVNPRLFSVAVQAGKAKIFNGLGCTENSAISSLYHIQSAAALSSE
SPVPVGTPLPLVEMVVFNERLQPCTCGEYGELFIAGAGVALGYSDPQLTAERFITIPYQGTDMLFYRTDDRATYDQDRNI
VLVGRG
;
_entity_poly.pdbx_strand_id   A,B
#
loop_
_chem_comp.id
_chem_comp.type
_chem_comp.name
_chem_comp.formula
BR non-polymer 'BROMIDE ION' 'Br -1'
CL non-polymer 'CHLORIDE ION' 'Cl -1'
EPE non-polymer '4-(2-HYDROXYETHYL)-1-PIPERAZINE ETHANESULFONIC ACID' 'C8 H18 N2 O4 S'
K non-polymer 'POTASSIUM ION' 'K 1'
#
# COMPACT_ATOMS: atom_id res chain seq x y z
N TYR A 10 5.90 -29.20 21.44
CA TYR A 10 4.47 -28.92 21.55
C TYR A 10 4.01 -28.68 22.98
N GLN A 11 4.91 -28.90 23.93
CA GLN A 11 4.69 -28.50 25.32
C GLN A 11 5.14 -27.05 25.44
N LEU A 12 4.18 -26.14 25.44
CA LEU A 12 4.43 -24.70 25.44
C LEU A 12 4.60 -24.16 26.84
N LYS A 13 5.45 -23.14 26.96
CA LYS A 13 5.67 -22.44 28.21
C LYS A 13 5.24 -20.99 28.05
N ALA A 14 5.25 -20.28 29.16
CA ALA A 14 5.04 -18.84 29.12
C ALA A 14 6.19 -18.18 28.39
N VAL A 15 5.89 -17.03 27.79
CA VAL A 15 6.88 -16.33 26.96
C VAL A 15 8.17 -16.06 27.72
N PRO A 16 8.16 -15.55 28.95
CA PRO A 16 9.43 -15.27 29.61
C PRO A 16 10.28 -16.50 29.80
N ASP A 17 9.65 -17.66 29.94
CA ASP A 17 10.38 -18.90 30.13
C ASP A 17 11.00 -19.38 28.83
N ILE A 18 10.28 -19.25 27.72
CA ILE A 18 10.86 -19.56 26.43
C ILE A 18 12.01 -18.61 26.11
N PHE A 19 11.81 -17.32 26.37
CA PHE A 19 12.86 -16.36 26.08
C PHE A 19 14.10 -16.65 26.93
N ASP A 20 13.91 -17.03 28.19
CA ASP A 20 15.05 -17.40 29.01
C ASP A 20 15.84 -18.54 28.36
N GLU A 21 15.15 -19.57 27.89
CA GLU A 21 15.85 -20.68 27.24
C GLU A 21 16.56 -20.21 25.98
N ILE A 22 15.88 -19.42 25.16
CA ILE A 22 16.45 -18.97 23.90
C ILE A 22 17.66 -18.09 24.15
N SER A 23 17.56 -17.19 25.11
CA SER A 23 18.67 -16.29 25.37
C SER A 23 19.85 -17.02 25.99
N GLN A 24 19.59 -18.07 26.78
CA GLN A 24 20.69 -18.86 27.32
C GLN A 24 21.33 -19.71 26.22
N ARG A 25 20.55 -20.12 25.23
CA ARG A 25 21.05 -20.97 24.16
C ARG A 25 21.76 -20.17 23.07
N PHE A 26 21.33 -18.93 22.81
CA PHE A 26 21.89 -18.12 21.73
C PHE A 26 22.35 -16.75 22.22
N PRO A 27 23.16 -16.70 23.28
CA PRO A 27 23.45 -15.40 23.90
C PRO A 27 24.18 -14.42 23.00
N ASP A 28 24.93 -14.91 22.04
CA ASP A 28 25.74 -14.06 21.18
C ASP A 28 25.04 -13.65 19.90
N ARG A 29 23.90 -14.24 19.58
CA ARG A 29 23.20 -13.84 18.37
C ARG A 29 22.58 -12.46 18.58
N VAL A 30 22.40 -11.74 17.48
CA VAL A 30 21.79 -10.42 17.54
C VAL A 30 20.28 -10.59 17.67
N ALA A 31 19.72 -10.03 18.74
CA ALA A 31 18.28 -10.07 18.95
C ALA A 31 17.57 -8.85 18.38
N LEU A 32 18.14 -7.67 18.55
CA LEU A 32 17.51 -6.42 18.14
C LEU A 32 18.51 -5.56 17.37
N ILE A 33 18.03 -4.95 16.30
CA ILE A 33 18.76 -3.92 15.58
C ILE A 33 17.90 -2.67 15.50
N PHE A 34 18.47 -1.54 15.89
CA PHE A 34 17.81 -0.25 15.74
C PHE A 34 18.80 0.75 15.17
N ASP A 35 18.54 1.14 13.94
CA ASP A 35 19.38 1.98 13.08
C ASP A 35 20.67 1.24 12.81
N GLN A 36 21.71 1.48 13.60
CA GLN A 36 22.93 0.69 13.53
C GLN A 36 23.34 0.13 14.89
N ARG A 37 22.47 0.25 15.88
N ARG A 37 22.47 0.25 15.88
CA ARG A 37 22.71 -0.28 17.21
CA ARG A 37 22.70 -0.28 17.22
C ARG A 37 22.26 -1.74 17.24
C ARG A 37 22.24 -1.73 17.27
N LYS A 38 23.10 -2.60 17.81
CA LYS A 38 22.82 -4.02 17.87
C LYS A 38 22.88 -4.54 19.29
N ILE A 39 21.92 -5.40 19.62
CA ILE A 39 21.74 -5.90 20.97
C ILE A 39 21.68 -7.42 20.90
N THR A 40 22.64 -8.07 21.53
CA THR A 40 22.65 -9.53 21.61
C THR A 40 21.54 -10.02 22.54
N TYR A 41 21.26 -11.32 22.43
CA TYR A 41 20.29 -11.92 23.33
C TYR A 41 20.73 -11.80 24.79
N ARG A 42 22.04 -11.92 25.04
CA ARG A 42 22.53 -11.79 26.41
C ARG A 42 22.32 -10.38 26.92
N GLU A 43 22.60 -9.37 26.10
CA GLU A 43 22.37 -7.99 26.52
C GLU A 43 20.89 -7.76 26.77
N LEU A 44 20.05 -8.27 25.87
CA LEU A 44 18.61 -8.08 26.01
C LEU A 44 18.10 -8.75 27.27
N ALA A 45 18.54 -9.97 27.54
CA ALA A 45 18.15 -10.66 28.76
C ALA A 45 18.54 -9.89 30.01
N GLU A 46 19.73 -9.30 30.03
CA GLU A 46 20.16 -8.55 31.19
C GLU A 46 19.29 -7.31 31.41
N GLN A 47 18.94 -6.62 30.33
CA GLN A 47 18.11 -5.42 30.46
C GLN A 47 16.70 -5.77 30.87
N CYS A 48 16.17 -6.88 30.38
N CYS A 48 16.17 -6.87 30.36
CA CYS A 48 14.84 -7.31 30.78
CA CYS A 48 14.84 -7.32 30.77
C CYS A 48 14.79 -7.63 32.27
C CYS A 48 14.79 -7.61 32.25
N SER A 49 15.82 -8.30 32.78
N SER A 49 15.81 -8.30 32.75
CA SER A 49 15.88 -8.62 34.20
CA SER A 49 15.88 -8.64 34.17
C SER A 49 16.02 -7.37 35.05
C SER A 49 16.02 -7.38 35.03
N ALA A 50 16.87 -6.45 34.63
CA ALA A 50 17.02 -5.23 35.40
C ALA A 50 15.70 -4.46 35.44
N LEU A 51 15.00 -4.39 34.31
CA LEU A 51 13.75 -3.66 34.26
C LEU A 51 12.64 -4.36 35.02
N ALA A 52 12.59 -5.68 34.96
CA ALA A 52 11.59 -6.40 35.74
C ALA A 52 11.74 -6.10 37.22
N ALA A 53 12.97 -5.97 37.70
CA ALA A 53 13.17 -5.63 39.10
C ALA A 53 12.66 -4.22 39.39
N VAL A 54 12.90 -3.29 38.49
CA VAL A 54 12.36 -1.94 38.63
C VAL A 54 10.84 -1.98 38.66
N LEU A 55 10.24 -2.75 37.76
CA LEU A 55 8.79 -2.78 37.69
C LEU A 55 8.19 -3.38 38.97
N GLN A 56 8.86 -4.37 39.55
CA GLN A 56 8.44 -4.85 40.86
C GLN A 56 8.62 -3.77 41.91
N ASN A 57 9.65 -2.95 41.76
CA ASN A 57 9.86 -1.84 42.69
C ASN A 57 8.80 -0.77 42.55
N ASN A 58 8.29 -0.54 41.35
CA ASN A 58 7.26 0.44 41.11
C ASN A 58 5.85 -0.12 41.27
N CYS A 59 5.68 -1.13 42.11
CA CYS A 59 4.38 -1.59 42.57
C CYS A 59 3.53 -2.24 41.48
N LEU A 60 4.13 -2.78 40.44
CA LEU A 60 3.39 -3.59 39.50
C LEU A 60 3.44 -5.05 39.95
N ILE A 61 2.33 -5.76 39.76
CA ILE A 61 2.22 -7.14 40.20
C ILE A 61 1.52 -7.96 39.14
N LYS A 62 1.51 -9.27 39.34
CA LYS A 62 0.92 -10.18 38.37
C LYS A 62 -0.56 -9.89 38.18
N GLY A 63 -1.00 -9.92 36.92
CA GLY A 63 -2.36 -9.65 36.58
C GLY A 63 -2.66 -8.20 36.29
N ASP A 64 -1.77 -7.29 36.65
CA ASP A 64 -2.01 -5.88 36.39
C ASP A 64 -2.09 -5.65 34.89
N ILE A 65 -3.08 -4.87 34.48
CA ILE A 65 -3.26 -4.50 33.09
C ILE A 65 -2.46 -3.22 32.83
N VAL A 66 -1.39 -3.36 32.06
CA VAL A 66 -0.43 -2.29 31.85
C VAL A 66 -0.35 -1.98 30.36
N ALA A 67 -0.79 -0.79 29.98
CA ALA A 67 -0.67 -0.36 28.60
C ALA A 67 0.74 0.13 28.32
N ILE A 68 1.16 -0.05 27.07
CA ILE A 68 2.47 0.38 26.60
C ILE A 68 2.29 1.32 25.42
N LYS A 69 2.80 2.55 25.56
CA LYS A 69 2.81 3.52 24.46
C LYS A 69 4.24 4.00 24.33
N ILE A 70 5.02 3.25 23.58
CA ILE A 70 6.43 3.51 23.37
C ILE A 70 6.73 3.36 21.88
N GLU A 71 7.31 4.38 21.28
CA GLU A 71 7.70 4.30 19.88
C GLU A 71 8.68 3.17 19.64
N ARG A 72 8.67 2.65 18.42
CA ARG A 72 9.60 1.60 18.05
C ARG A 72 11.02 2.00 18.41
N SER A 73 11.68 1.12 19.11
CA SER A 73 12.94 1.34 19.80
C SER A 73 13.24 0.06 20.54
N PRO A 74 14.49 -0.17 20.91
CA PRO A 74 14.78 -1.38 21.71
C PRO A 74 14.01 -1.44 23.00
N GLU A 75 13.79 -0.29 23.62
CA GLU A 75 13.11 -0.24 24.91
C GLU A 75 11.68 -0.77 24.82
N LEU A 76 11.02 -0.58 23.69
CA LEU A 76 9.66 -1.10 23.52
C LEU A 76 9.61 -2.59 23.82
N TYR A 77 10.52 -3.36 23.23
CA TYR A 77 10.51 -4.80 23.37
C TYR A 77 11.04 -5.24 24.73
N ILE A 78 11.99 -4.49 25.28
CA ILE A 78 12.43 -4.75 26.65
C ILE A 78 11.26 -4.67 27.61
N PHE A 79 10.42 -3.65 27.47
CA PHE A 79 9.27 -3.50 28.34
C PHE A 79 8.29 -4.65 28.14
N MET A 80 8.10 -5.10 26.91
CA MET A 80 7.22 -6.24 26.69
C MET A 80 7.70 -7.46 27.47
N LEU A 81 8.97 -7.79 27.35
CA LEU A 81 9.52 -8.95 28.04
C LEU A 81 9.46 -8.78 29.55
N ALA A 82 9.80 -7.60 30.04
CA ALA A 82 9.84 -7.40 31.49
C ALA A 82 8.44 -7.43 32.09
N LEU A 83 7.47 -6.85 31.41
CA LEU A 83 6.11 -6.90 31.91
C LEU A 83 5.59 -8.32 31.94
N MET A 84 5.87 -9.10 30.91
CA MET A 84 5.41 -10.48 30.95
C MET A 84 6.13 -11.28 32.02
N LYS A 85 7.38 -10.96 32.30
CA LYS A 85 8.13 -11.71 33.31
C LYS A 85 7.49 -11.55 34.70
N ILE A 86 6.99 -10.35 35.01
CA ILE A 86 6.36 -10.12 36.30
C ILE A 86 4.89 -10.50 36.30
N GLY A 87 4.39 -11.06 35.21
CA GLY A 87 3.03 -11.51 35.13
C GLY A 87 2.01 -10.46 34.78
N ALA A 88 2.45 -9.30 34.32
CA ALA A 88 1.52 -8.28 33.89
C ALA A 88 0.92 -8.65 32.53
N VAL A 89 -0.20 -8.01 32.23
CA VAL A 89 -0.91 -8.17 30.98
C VAL A 89 -0.69 -6.89 30.19
N MET A 90 0.07 -6.98 29.11
CA MET A 90 0.42 -5.78 28.37
C MET A 90 -0.66 -5.38 27.38
N VAL A 91 -0.86 -4.08 27.23
CA VAL A 91 -1.81 -3.52 26.28
C VAL A 91 -1.07 -2.57 25.35
N PRO A 92 -0.51 -3.07 24.26
CA PRO A 92 0.28 -2.20 23.39
C PRO A 92 -0.60 -1.24 22.60
N VAL A 93 -0.18 0.01 22.58
CA VAL A 93 -0.90 1.11 21.96
C VAL A 93 -0.01 1.76 20.93
N ASN A 94 -0.60 2.05 19.77
CA ASN A 94 0.08 2.81 18.72
C ASN A 94 0.36 4.23 19.18
N SER A 95 1.60 4.66 19.02
CA SER A 95 1.99 6.01 19.41
C SER A 95 1.32 7.07 18.54
N ASN A 96 1.00 6.75 17.29
CA ASN A 96 0.33 7.73 16.44
C ASN A 96 -1.18 7.74 16.60
N SER A 97 -1.75 6.96 17.52
CA SER A 97 -3.19 6.99 17.65
C SER A 97 -3.65 8.29 18.32
N PRO A 98 -4.81 8.80 17.92
CA PRO A 98 -5.33 10.00 18.56
C PRO A 98 -5.72 9.74 20.01
N GLU A 99 -5.59 10.79 20.82
CA GLU A 99 -5.82 10.68 22.25
C GLU A 99 -7.17 10.07 22.60
N ARG A 100 -8.21 10.34 21.82
CA ARG A 100 -9.53 9.81 22.17
C ARG A 100 -9.57 8.30 21.97
N TYR A 101 -9.09 7.81 20.83
CA TYR A 101 -9.07 6.38 20.62
C TYR A 101 -8.21 5.68 21.65
N ILE A 102 -7.13 6.33 22.11
CA ILE A 102 -6.29 5.76 23.16
C ILE A 102 -7.09 5.61 24.45
N GLY A 103 -7.81 6.66 24.84
CA GLY A 103 -8.66 6.55 26.00
C GLY A 103 -9.70 5.46 25.86
N GLU A 104 -10.22 5.30 24.64
CA GLU A 104 -11.17 4.23 24.36
C GLU A 104 -10.55 2.86 24.54
N VAL A 105 -9.32 2.69 24.07
CA VAL A 105 -8.63 1.41 24.19
C VAL A 105 -8.33 1.10 25.65
N LEU A 106 -7.81 2.08 26.37
CA LEU A 106 -7.47 1.84 27.77
C LEU A 106 -8.70 1.53 28.60
N SER A 107 -9.80 2.21 28.32
CA SER A 107 -11.04 1.95 29.03
C SER A 107 -11.56 0.56 28.71
N ALA A 108 -11.56 0.20 27.44
CA ALA A 108 -12.02 -1.12 27.04
C ALA A 108 -11.19 -2.22 27.70
N ALA A 109 -9.89 -2.01 27.79
CA ALA A 109 -8.99 -3.00 28.36
C ALA A 109 -8.99 -3.03 29.88
N GLY A 110 -9.56 -2.02 30.51
CA GLY A 110 -9.45 -1.93 31.95
C GLY A 110 -8.05 -1.67 32.43
N ALA A 111 -7.25 -0.98 31.63
CA ALA A 111 -5.87 -0.71 32.00
C ALA A 111 -5.80 0.08 33.29
N ARG A 112 -4.90 -0.35 34.16
CA ARG A 112 -4.64 0.31 35.43
C ARG A 112 -3.41 1.18 35.38
N TYR A 113 -2.48 0.88 34.49
CA TYR A 113 -1.26 1.62 34.29
C TYR A 113 -1.03 1.87 32.82
N LEU A 114 -0.37 2.98 32.52
CA LEU A 114 0.08 3.29 31.18
C LEU A 114 1.54 3.69 31.26
N ILE A 115 2.41 2.90 30.63
CA ILE A 115 3.82 3.22 30.52
C ILE A 115 4.05 3.87 29.16
N SER A 116 4.58 5.09 29.18
CA SER A 116 4.76 5.85 27.95
C SER A 116 6.14 6.48 27.89
N ASP A 117 6.64 6.60 26.66
CA ASP A 117 7.86 7.35 26.42
C ASP A 117 7.59 8.85 26.25
N ASP A 118 6.34 9.26 26.43
CA ASP A 118 6.02 10.69 26.41
C ASP A 118 4.75 10.87 27.24
N VAL A 119 4.93 11.17 28.52
CA VAL A 119 3.81 11.25 29.43
C VAL A 119 2.95 12.49 29.20
N THR A 120 3.41 13.44 28.41
CA THR A 120 2.62 14.62 28.13
C THR A 120 1.58 14.40 27.05
N SER A 121 1.61 13.28 26.36
CA SER A 121 0.68 13.01 25.26
C SER A 121 -0.20 11.82 25.57
N VAL A 122 -0.71 11.74 26.80
CA VAL A 122 -1.52 10.61 27.20
C VAL A 122 -2.88 11.08 27.69
N PRO A 123 -3.94 10.33 27.43
CA PRO A 123 -5.26 10.75 27.88
C PRO A 123 -5.44 10.57 29.36
N GLY A 124 -6.34 11.38 29.91
CA GLY A 124 -6.70 11.25 31.30
C GLY A 124 -7.75 10.18 31.50
N GLY A 125 -7.56 9.40 32.54
CA GLY A 125 -8.50 8.34 32.85
C GLY A 125 -8.17 7.72 34.18
N ALA A 126 -8.73 6.57 34.40
CA ALA A 126 -8.53 5.84 35.66
C ALA A 126 -7.07 5.37 35.85
N TRP A 127 -6.33 5.18 34.80
CA TRP A 127 -4.96 4.64 34.86
C TRP A 127 -3.90 5.59 35.42
N HIS A 128 -2.86 4.97 35.94
CA HIS A 128 -1.69 5.71 36.40
C HIS A 128 -0.61 5.66 35.34
N VAL A 129 0.00 6.81 35.09
CA VAL A 129 0.98 6.99 34.02
C VAL A 129 2.38 6.86 34.60
N LEU A 130 3.19 6.02 34.00
CA LEU A 130 4.59 5.86 34.35
C LEU A 130 5.46 6.21 33.16
N SER A 131 6.63 6.77 33.42
CA SER A 131 7.56 7.14 32.37
C SER A 131 8.48 5.97 32.04
N SER A 132 8.43 5.50 30.80
CA SER A 132 9.31 4.42 30.41
C SER A 132 10.77 4.83 30.49
N ARG A 133 11.06 6.07 30.11
CA ARG A 133 12.44 6.52 30.09
C ARG A 133 13.00 6.67 31.50
N THR A 134 12.19 7.15 32.43
CA THR A 134 12.66 7.27 33.80
C THR A 134 12.81 5.90 34.45
N LEU A 135 11.90 4.97 34.16
CA LEU A 135 12.05 3.60 34.65
C LEU A 135 13.34 2.95 34.15
N ILE A 136 13.64 3.09 32.86
CA ILE A 136 14.88 2.58 32.31
C ILE A 136 16.07 3.23 33.02
N GLN A 137 15.97 4.52 33.29
CA GLN A 137 17.04 5.26 33.93
C GLN A 137 17.39 4.68 35.29
N ASN A 138 16.40 4.18 36.02
CA ASN A 138 16.61 3.63 37.35
C ASN A 138 16.98 2.16 37.33
N CYS A 139 17.27 1.59 36.18
CA CYS A 139 17.70 0.21 36.13
C CYS A 139 19.11 0.09 36.69
N THR A 140 19.32 -0.87 37.59
CA THR A 140 20.62 -1.20 38.14
C THR A 140 21.05 -2.58 37.63
N GLN A 141 22.35 -2.85 37.71
CA GLN A 141 22.84 -4.16 37.30
C GLN A 141 22.18 -5.25 38.13
N GLN A 142 22.08 -5.03 39.43
CA GLN A 142 21.32 -5.90 40.33
C GLN A 142 20.11 -6.52 39.64
N ARG A 143 20.16 -7.83 39.45
CA ARG A 143 18.94 -8.53 39.03
C ARG A 143 18.19 -8.91 40.32
N SER A 144 16.98 -9.41 40.20
CA SER A 144 16.23 -9.75 41.43
C SER A 144 15.88 -11.23 41.45
N GLY A 145 14.64 -11.59 41.79
CA GLY A 145 14.46 -13.03 41.85
C GLY A 145 13.10 -13.59 42.03
N ASN A 146 12.22 -13.09 42.89
CA ASN A 146 10.95 -13.87 43.06
C ASN A 146 9.88 -13.49 42.02
N TYR A 147 9.85 -14.19 40.89
CA TYR A 147 8.84 -13.89 39.84
C TYR A 147 7.71 -14.91 39.89
N PRO A 148 6.49 -14.57 39.43
CA PRO A 148 5.40 -15.51 39.52
C PRO A 148 5.55 -16.74 38.61
N VAL A 149 5.00 -17.85 39.07
CA VAL A 149 4.86 -19.02 38.23
C VAL A 149 3.82 -18.70 37.17
N LEU A 150 4.21 -18.84 35.91
CA LEU A 150 3.35 -18.48 34.79
C LEU A 150 3.03 -19.72 33.96
N SER A 151 1.77 -19.89 33.68
CA SER A 151 1.30 -20.96 32.83
C SER A 151 1.14 -20.45 31.40
N ALA A 152 1.27 -21.35 30.45
CA ALA A 152 0.98 -20.98 29.08
C ALA A 152 -0.44 -20.47 28.91
N ASP A 153 -1.34 -20.82 29.82
CA ASP A 153 -2.72 -20.37 29.76
C ASP A 153 -2.96 -19.07 30.52
N ASP A 154 -1.96 -18.52 31.19
CA ASP A 154 -2.14 -17.25 31.85
C ASP A 154 -2.22 -16.14 30.81
N PRO A 155 -2.90 -15.04 31.13
CA PRO A 155 -2.95 -13.91 30.21
C PRO A 155 -1.60 -13.23 30.06
N ALA A 156 -1.32 -12.77 28.85
CA ALA A 156 -0.07 -12.11 28.54
C ALA A 156 -0.29 -10.76 27.90
N LEU A 157 -1.37 -10.64 27.14
CA LEU A 157 -1.54 -9.51 26.26
C LEU A 157 -3.00 -9.24 25.99
N ILE A 158 -3.31 -7.98 25.71
CA ILE A 158 -4.64 -7.55 25.29
C ILE A 158 -4.50 -6.79 23.98
N LEU A 159 -5.23 -7.24 22.96
CA LEU A 159 -5.32 -6.57 21.68
C LEU A 159 -6.76 -6.13 21.44
N MET A 160 -6.93 -5.09 20.65
CA MET A 160 -8.25 -4.62 20.28
C MET A 160 -8.66 -5.13 18.91
N THR A 161 -9.94 -5.39 18.76
CA THR A 161 -10.56 -5.60 17.48
C THR A 161 -11.79 -4.71 17.42
N SER A 162 -12.36 -4.59 16.23
CA SER A 162 -13.44 -3.64 16.03
C SER A 162 -14.21 -4.02 14.79
N GLY A 163 -15.46 -3.57 14.75
CA GLY A 163 -16.31 -3.69 13.60
C GLY A 163 -16.26 -2.44 12.74
N SER A 164 -17.37 -2.21 12.03
CA SER A 164 -17.46 -1.11 11.05
C SER A 164 -17.21 0.26 11.65
N THR A 165 -17.59 0.46 12.90
CA THR A 165 -17.51 1.77 13.50
C THR A 165 -16.20 2.02 14.21
N GLY A 166 -15.33 1.01 14.29
CA GLY A 166 -14.04 1.19 14.91
C GLY A 166 -14.05 1.20 16.42
N LYS A 167 -15.20 1.05 17.06
CA LYS A 167 -15.22 0.97 18.50
C LYS A 167 -14.43 -0.25 18.98
N PRO A 168 -13.55 -0.11 19.95
CA PRO A 168 -12.65 -1.21 20.28
C PRO A 168 -13.28 -2.24 21.20
N LYS A 169 -12.97 -3.49 20.90
CA LYS A 169 -13.35 -4.64 21.70
C LYS A 169 -12.08 -5.34 22.17
N SER A 170 -12.02 -5.62 23.47
CA SER A 170 -10.81 -6.12 24.11
C SER A 170 -10.68 -7.64 23.94
N VAL A 171 -9.52 -8.09 23.50
CA VAL A 171 -9.23 -9.51 23.28
C VAL A 171 -8.09 -9.93 24.19
N LEU A 172 -8.36 -10.87 25.09
CA LEU A 172 -7.36 -11.35 26.03
C LEU A 172 -6.60 -12.52 25.41
N ILE A 173 -5.28 -12.36 25.30
CA ILE A 173 -4.41 -13.33 24.64
C ILE A 173 -3.59 -14.04 25.71
N ALA A 174 -3.58 -15.37 25.63
CA ALA A 174 -2.79 -16.19 26.53
C ALA A 174 -1.33 -16.25 26.07
N HIS A 175 -0.47 -16.59 27.02
CA HIS A 175 0.94 -16.78 26.71
C HIS A 175 1.14 -17.74 25.54
N ARG A 176 0.42 -18.86 25.55
CA ARG A 176 0.58 -19.84 24.47
C ARG A 176 0.28 -19.24 23.11
N GLY A 177 -0.59 -18.25 23.06
CA GLY A 177 -0.99 -17.71 21.77
C GLY A 177 0.13 -17.09 20.99
N ILE A 178 1.11 -16.53 21.67
CA ILE A 178 2.30 -16.03 21.01
C ILE A 178 3.51 -16.92 21.26
N ALA A 179 3.52 -17.70 22.34
CA ALA A 179 4.61 -18.63 22.56
C ALA A 179 4.69 -19.69 21.48
N ARG A 180 3.56 -19.99 20.84
CA ARG A 180 3.56 -20.92 19.73
C ARG A 180 4.42 -20.44 18.58
N LEU A 181 4.70 -19.15 18.50
CA LEU A 181 5.47 -18.63 17.39
C LEU A 181 6.94 -18.97 17.51
N GLY A 182 7.36 -19.55 18.62
CA GLY A 182 8.68 -20.11 18.71
C GLY A 182 8.84 -21.46 18.04
N LEU A 183 7.75 -22.07 17.64
CA LEU A 183 7.80 -23.32 16.91
C LEU A 183 8.07 -23.05 15.45
N PRO A 184 9.16 -23.54 14.89
CA PRO A 184 9.45 -23.27 13.50
C PRO A 184 8.32 -23.75 12.60
N VAL A 185 8.01 -22.94 11.58
CA VAL A 185 6.91 -23.22 10.67
C VAL A 185 7.47 -23.99 9.48
N PRO A 186 7.03 -25.22 9.25
CA PRO A 186 7.60 -26.01 8.15
C PRO A 186 7.62 -25.31 6.79
N ALA A 187 6.55 -24.62 6.42
CA ALA A 187 6.52 -23.97 5.12
C ALA A 187 7.55 -22.87 5.01
N LEU A 188 7.90 -22.22 6.11
CA LEU A 188 8.87 -21.14 6.08
C LEU A 188 10.30 -21.64 6.21
N GLY A 189 10.50 -22.75 6.91
CA GLY A 189 11.85 -23.20 7.20
C GLY A 189 12.63 -22.28 8.09
N ASN A 190 11.96 -21.52 8.94
CA ASN A 190 12.62 -20.50 9.72
C ASN A 190 13.43 -21.10 10.86
N SER A 191 14.42 -20.35 11.30
CA SER A 191 15.31 -20.79 12.35
C SER A 191 15.96 -19.57 13.00
N GLU A 192 16.93 -19.83 13.86
CA GLU A 192 17.66 -18.75 14.52
C GLU A 192 18.49 -17.94 13.54
N ARG A 193 18.75 -18.47 12.36
CA ARG A 193 19.56 -17.76 11.38
C ARG A 193 18.80 -16.66 10.66
N ASP A 194 17.51 -16.54 10.86
CA ASP A 194 16.71 -15.61 10.09
C ASP A 194 16.70 -14.22 10.71
N CYS A 195 16.20 -13.27 9.94
CA CYS A 195 16.04 -11.90 10.38
C CYS A 195 14.66 -11.40 9.96
N TYR A 196 13.99 -10.74 10.90
CA TYR A 196 12.65 -10.23 10.72
C TYR A 196 12.65 -8.71 10.81
N LEU A 197 11.61 -8.09 10.27
CA LEU A 197 11.45 -6.64 10.26
C LEU A 197 10.23 -6.27 11.07
N GLN A 198 10.44 -5.47 12.11
CA GLN A 198 9.32 -5.00 12.95
C GLN A 198 8.75 -3.72 12.34
N ILE A 199 7.64 -3.86 11.65
CA ILE A 199 6.98 -2.73 11.02
C ILE A 199 5.49 -2.67 11.29
N ALA A 200 4.83 -3.77 11.60
CA ALA A 200 3.41 -3.71 11.93
C ALA A 200 3.21 -2.94 13.24
N ASP A 201 2.11 -2.19 13.29
CA ASP A 201 1.77 -1.44 14.52
C ASP A 201 1.63 -2.43 15.68
N ILE A 202 2.16 -2.08 16.85
CA ILE A 202 2.15 -3.01 18.02
C ILE A 202 0.73 -3.32 18.50
N SER A 203 -0.26 -2.49 18.20
CA SER A 203 -1.65 -2.79 18.63
C SER A 203 -2.27 -3.85 17.70
N PHE A 204 -1.56 -4.28 16.65
CA PHE A 204 -2.12 -5.29 15.76
C PHE A 204 -1.55 -6.65 16.11
N ALA A 205 -2.40 -7.67 16.01
CA ALA A 205 -1.92 -9.04 16.16
C ALA A 205 -0.76 -9.33 15.22
N ALA A 206 -0.77 -8.74 14.02
CA ALA A 206 0.29 -9.02 13.05
C ALA A 206 1.66 -8.64 13.57
N SER A 207 1.75 -7.71 14.51
CA SER A 207 3.05 -7.36 15.06
C SER A 207 3.66 -8.51 15.81
N ALA A 208 2.82 -9.38 16.38
CA ALA A 208 3.34 -10.55 17.09
C ALA A 208 4.07 -11.49 16.17
N ASN A 209 3.65 -11.58 14.91
CA ASN A 209 4.36 -12.41 13.94
C ASN A 209 5.84 -12.04 13.90
N GLU A 210 6.10 -10.75 13.86
CA GLU A 210 7.46 -10.25 13.68
C GLU A 210 8.25 -10.34 14.98
N ILE A 211 7.68 -9.86 16.07
CA ILE A 211 8.39 -9.79 17.34
C ILE A 211 8.72 -11.19 17.85
N TRP A 212 7.72 -12.05 17.93
CA TRP A 212 7.91 -13.29 18.67
C TRP A 212 8.44 -14.43 17.83
N MET A 213 8.16 -14.47 16.52
CA MET A 213 8.86 -15.45 15.70
C MET A 213 10.37 -15.17 15.71
N ALA A 214 10.75 -13.90 15.83
CA ALA A 214 12.15 -13.57 15.98
C ALA A 214 12.67 -13.97 17.36
N LEU A 215 12.12 -13.34 18.40
CA LEU A 215 12.75 -13.41 19.71
C LEU A 215 12.57 -14.75 20.40
N LEU A 216 11.60 -15.56 20.00
CA LEU A 216 11.42 -16.87 20.59
C LEU A 216 12.07 -17.99 19.78
N THR A 217 12.85 -17.64 18.76
CA THR A 217 13.62 -18.62 18.01
C THR A 217 15.12 -18.34 17.96
N GLY A 218 15.58 -17.24 18.51
CA GLY A 218 16.97 -16.88 18.40
C GLY A 218 17.32 -16.05 17.20
N ALA A 219 16.33 -15.68 16.40
CA ALA A 219 16.52 -14.90 15.21
C ALA A 219 16.64 -13.42 15.56
N CYS A 220 16.92 -12.63 14.55
CA CYS A 220 17.13 -11.20 14.70
C CYS A 220 15.87 -10.43 14.30
N LEU A 221 15.58 -9.38 15.04
CA LEU A 221 14.49 -8.46 14.76
C LEU A 221 15.10 -7.08 14.50
N THR A 222 15.05 -6.64 13.26
CA THR A 222 15.46 -5.27 12.97
C THR A 222 14.23 -4.37 13.00
N ILE A 223 14.37 -3.23 13.67
CA ILE A 223 13.25 -2.41 14.08
C ILE A 223 13.12 -1.23 13.12
N ALA A 224 11.97 -1.13 12.48
CA ALA A 224 11.70 0.00 11.61
C ALA A 224 11.62 1.28 12.43
N PRO A 225 11.99 2.41 11.84
CA PRO A 225 11.87 3.67 12.55
C PRO A 225 10.42 3.98 12.86
N PRO A 226 10.17 4.71 13.93
CA PRO A 226 8.80 5.09 14.24
C PRO A 226 8.19 5.92 13.13
N GLY A 227 6.87 5.91 13.07
CA GLY A 227 6.14 6.70 12.11
C GLY A 227 5.64 5.89 10.94
N LEU A 228 5.09 6.61 9.96
CA LEU A 228 4.55 5.98 8.79
C LEU A 228 5.67 5.44 7.90
N PRO A 229 5.37 4.45 7.07
CA PRO A 229 6.43 3.79 6.31
C PRO A 229 7.11 4.72 5.32
N ASP A 230 8.43 4.64 5.26
CA ASP A 230 9.25 5.28 4.25
C ASP A 230 9.90 4.15 3.45
N LEU A 231 9.41 3.93 2.22
CA LEU A 231 9.79 2.72 1.51
C LEU A 231 11.24 2.74 1.07
N MET A 232 11.82 3.91 0.85
CA MET A 232 13.24 3.95 0.57
C MET A 232 14.04 3.49 1.78
N ALA A 233 13.71 4.00 2.95
CA ALA A 233 14.40 3.57 4.15
C ALA A 233 14.14 2.11 4.46
N LEU A 234 12.94 1.63 4.15
CA LEU A 234 12.62 0.23 4.39
C LEU A 234 13.39 -0.67 3.44
N ALA A 235 13.50 -0.28 2.17
CA ALA A 235 14.26 -1.05 1.21
C ALA A 235 15.73 -1.12 1.62
N ARG A 236 16.30 -0.02 2.08
CA ARG A 236 17.68 -0.05 2.55
C ARG A 236 17.80 -0.93 3.78
N GLN A 237 16.80 -0.88 4.66
CA GLN A 237 16.86 -1.66 5.89
C GLN A 237 16.75 -3.15 5.60
N ILE A 238 15.89 -3.51 4.66
CA ILE A 238 15.73 -4.92 4.30
C ILE A 238 17.05 -5.47 3.77
N GLU A 239 17.73 -4.71 2.94
CA GLU A 239 18.99 -5.15 2.37
C GLU A 239 20.13 -5.10 3.37
N SER A 240 20.28 -3.97 4.05
N SER A 240 20.31 -3.97 4.04
CA SER A 240 21.40 -3.77 4.96
CA SER A 240 21.45 -3.81 4.93
C SER A 240 21.39 -4.75 6.11
C SER A 240 21.40 -4.79 6.10
N ASP A 241 20.21 -5.04 6.64
CA ASP A 241 20.07 -5.92 7.78
C ASP A 241 19.74 -7.36 7.40
N ASN A 242 19.77 -7.67 6.09
CA ASN A 242 19.57 -9.01 5.56
C ASN A 242 18.32 -9.67 6.12
N VAL A 243 17.20 -8.99 5.92
CA VAL A 243 15.90 -9.53 6.31
C VAL A 243 15.60 -10.75 5.44
N THR A 244 15.28 -11.87 6.09
CA THR A 244 15.00 -13.11 5.40
C THR A 244 13.55 -13.56 5.52
N MET A 245 12.84 -13.08 6.53
CA MET A 245 11.43 -13.36 6.72
C MET A 245 10.70 -12.03 6.78
N LEU A 246 9.99 -11.70 5.72
CA LEU A 246 9.38 -10.38 5.58
C LEU A 246 7.87 -10.52 5.63
N PHE A 247 7.28 -10.01 6.70
CA PHE A 247 5.83 -9.92 6.85
C PHE A 247 5.37 -8.54 6.41
N LEU A 248 4.36 -8.49 5.56
CA LEU A 248 3.87 -7.24 5.03
C LEU A 248 2.36 -7.21 5.04
N SER A 249 1.81 -6.04 5.35
CA SER A 249 0.39 -5.85 5.10
C SER A 249 0.13 -5.87 3.60
N GLY A 250 -1.14 -6.09 3.24
CA GLY A 250 -1.49 -6.08 1.84
C GLY A 250 -1.13 -4.78 1.15
N GLY A 251 -1.32 -3.66 1.84
CA GLY A 251 -1.00 -2.38 1.26
C GLY A 251 0.49 -2.20 1.02
N LEU A 252 1.30 -2.53 2.02
CA LEU A 252 2.73 -2.37 1.85
C LEU A 252 3.27 -3.33 0.81
N PHE A 253 2.77 -4.57 0.81
CA PHE A 253 3.14 -5.53 -0.24
C PHE A 253 2.79 -4.99 -1.61
N ARG A 254 1.54 -4.57 -1.81
CA ARG A 254 1.12 -4.12 -3.12
C ARG A 254 1.91 -2.90 -3.57
N LEU A 255 2.18 -1.99 -2.65
CA LEU A 255 2.96 -0.81 -3.03
C LEU A 255 4.38 -1.18 -3.42
N PHE A 256 4.99 -2.14 -2.72
CA PHE A 256 6.33 -2.57 -3.14
C PHE A 256 6.30 -3.23 -4.51
N VAL A 257 5.27 -4.02 -4.80
CA VAL A 257 5.11 -4.56 -6.13
C VAL A 257 5.05 -3.43 -7.16
N GLU A 258 4.31 -2.38 -6.86
CA GLU A 258 4.13 -1.30 -7.83
C GLU A 258 5.40 -0.49 -8.03
N VAL A 259 6.17 -0.23 -6.97
CA VAL A 259 7.26 0.72 -7.05
C VAL A 259 8.64 0.10 -6.91
N SER A 260 8.78 -1.07 -6.32
CA SER A 260 10.11 -1.62 -6.10
C SER A 260 10.06 -3.12 -5.84
N VAL A 261 9.60 -3.87 -6.84
CA VAL A 261 9.31 -5.28 -6.64
C VAL A 261 10.58 -6.07 -6.34
N GLU A 262 11.73 -5.59 -6.81
CA GLU A 262 13.00 -6.26 -6.53
C GLU A 262 13.24 -6.41 -5.04
N THR A 263 12.83 -5.41 -4.25
CA THR A 263 13.00 -5.46 -2.82
C THR A 263 12.33 -6.69 -2.21
N LEU A 264 11.24 -7.14 -2.81
CA LEU A 264 10.51 -8.28 -2.29
C LEU A 264 11.25 -9.60 -2.50
N HIS A 265 12.26 -9.64 -3.34
CA HIS A 265 12.98 -10.86 -3.58
C HIS A 265 14.34 -10.90 -2.91
N ILE A 266 14.63 -9.94 -2.06
CA ILE A 266 15.76 -10.00 -1.15
C ILE A 266 15.52 -11.05 -0.07
N PRO A 267 14.36 -11.10 0.57
CA PRO A 267 14.14 -12.12 1.60
C PRO A 267 14.00 -13.51 1.00
N ASP A 268 14.04 -14.51 1.86
CA ASP A 268 13.70 -15.87 1.45
C ASP A 268 12.19 -16.04 1.37
N CYS A 269 11.45 -15.51 2.34
CA CYS A 269 10.01 -15.68 2.39
C CYS A 269 9.34 -14.33 2.63
N VAL A 270 8.21 -14.13 1.96
CA VAL A 270 7.37 -12.97 2.12
C VAL A 270 5.97 -13.46 2.47
N VAL A 271 5.42 -12.94 3.56
CA VAL A 271 4.07 -13.28 4.01
C VAL A 271 3.20 -12.02 3.97
N VAL A 272 2.08 -12.11 3.25
CA VAL A 272 1.16 -10.99 3.05
C VAL A 272 -0.08 -11.22 3.89
N SER A 273 -0.28 -10.39 4.91
N SER A 273 -0.28 -10.40 4.92
CA SER A 273 -1.43 -10.50 5.79
CA SER A 273 -1.44 -10.49 5.79
C SER A 273 -2.53 -9.53 5.37
C SER A 273 -2.55 -9.55 5.35
N GLY A 274 -3.72 -9.76 5.90
CA GLY A 274 -4.87 -8.93 5.64
C GLY A 274 -5.77 -9.48 4.55
N ASP A 275 -6.73 -8.66 4.16
CA ASP A 275 -7.63 -9.07 3.09
C ASP A 275 -6.85 -9.28 1.80
N PHE A 276 -7.29 -10.26 1.03
CA PHE A 276 -6.53 -10.75 -0.11
C PHE A 276 -6.20 -9.62 -1.09
N VAL A 277 -4.93 -9.54 -1.46
CA VAL A 277 -4.52 -8.59 -2.48
C VAL A 277 -4.99 -9.11 -3.84
N ASN A 278 -5.38 -8.18 -4.70
CA ASN A 278 -5.76 -8.51 -6.06
C ASN A 278 -4.74 -9.46 -6.68
N PRO A 279 -5.19 -10.61 -7.19
CA PRO A 279 -4.24 -11.63 -7.66
C PRO A 279 -3.31 -11.16 -8.77
N ARG A 280 -3.74 -10.18 -9.55
CA ARG A 280 -2.87 -9.65 -10.59
C ARG A 280 -1.56 -9.15 -10.00
N LEU A 281 -1.62 -8.55 -8.81
CA LEU A 281 -0.40 -8.05 -8.17
C LEU A 281 0.48 -9.19 -7.67
N PHE A 282 -0.12 -10.26 -7.16
CA PHE A 282 0.67 -11.44 -6.82
C PHE A 282 1.34 -12.01 -8.05
N SER A 283 0.64 -11.99 -9.17
CA SER A 283 1.19 -12.48 -10.43
C SER A 283 2.45 -11.72 -10.79
N VAL A 284 2.41 -10.40 -10.69
CA VAL A 284 3.59 -9.60 -10.97
C VAL A 284 4.71 -9.95 -10.01
N ALA A 285 4.39 -10.08 -8.73
CA ALA A 285 5.42 -10.30 -7.72
C ALA A 285 6.09 -11.65 -7.90
N VAL A 286 5.31 -12.70 -8.11
CA VAL A 286 5.87 -14.03 -8.23
C VAL A 286 6.66 -14.18 -9.53
N GLN A 287 6.27 -13.47 -10.58
CA GLN A 287 7.05 -13.49 -11.82
C GLN A 287 8.36 -12.73 -11.72
N ALA A 288 8.53 -11.90 -10.72
CA ALA A 288 9.68 -11.02 -10.69
C ALA A 288 10.90 -11.59 -9.97
N GLY A 289 10.79 -12.76 -9.35
CA GLY A 289 11.91 -13.31 -8.63
C GLY A 289 11.55 -14.64 -8.00
N LYS A 290 12.45 -15.12 -7.14
CA LYS A 290 12.38 -16.48 -6.62
C LYS A 290 12.06 -16.57 -5.13
N ALA A 291 11.79 -15.45 -4.48
CA ALA A 291 11.34 -15.51 -3.09
C ALA A 291 10.04 -16.30 -2.99
N LYS A 292 9.88 -17.03 -1.89
CA LYS A 292 8.63 -17.73 -1.62
C LYS A 292 7.60 -16.74 -1.09
N ILE A 293 6.50 -16.58 -1.80
CA ILE A 293 5.50 -15.59 -1.44
C ILE A 293 4.25 -16.29 -0.94
N PHE A 294 3.81 -15.90 0.25
CA PHE A 294 2.69 -16.52 0.94
C PHE A 294 1.56 -15.53 1.16
N ASN A 295 0.34 -16.01 1.02
CA ASN A 295 -0.81 -15.32 1.54
C ASN A 295 -1.06 -15.84 2.95
N GLY A 296 -0.99 -14.95 3.92
CA GLY A 296 -1.16 -15.31 5.31
C GLY A 296 -2.55 -14.97 5.81
N LEU A 297 -3.09 -15.83 6.66
CA LEU A 297 -4.36 -15.57 7.31
C LEU A 297 -4.09 -15.40 8.80
N GLY A 298 -4.50 -14.26 9.33
CA GLY A 298 -4.38 -14.00 10.74
C GLY A 298 -5.73 -13.62 11.33
N CYS A 299 -5.78 -13.65 12.65
CA CYS A 299 -7.01 -13.44 13.38
C CYS A 299 -6.63 -12.94 14.77
N THR A 300 -7.12 -11.76 15.15
CA THR A 300 -6.80 -11.23 16.47
C THR A 300 -7.17 -12.22 17.56
N GLU A 301 -8.31 -12.87 17.41
CA GLU A 301 -8.75 -13.86 18.38
C GLU A 301 -7.98 -15.17 18.30
N ASN A 302 -7.05 -15.33 17.36
CA ASN A 302 -6.11 -16.43 17.38
C ASN A 302 -4.68 -15.95 17.62
N SER A 303 -4.54 -14.74 18.13
CA SER A 303 -3.31 -14.15 18.66
C SER A 303 -2.38 -13.61 17.59
N ALA A 304 -2.40 -14.20 16.41
CA ALA A 304 -1.39 -13.91 15.40
C ALA A 304 -1.65 -14.65 14.09
N ILE A 305 -0.65 -14.64 13.21
CA ILE A 305 -0.72 -15.41 11.97
C ILE A 305 -1.14 -16.83 12.26
N SER A 306 -2.02 -17.36 11.41
CA SER A 306 -2.67 -18.62 11.71
C SER A 306 -2.55 -19.65 10.60
N SER A 307 -2.45 -19.21 9.35
N SER A 307 -2.40 -19.19 9.36
CA SER A 307 -2.21 -20.13 8.24
CA SER A 307 -2.22 -20.11 8.25
C SER A 307 -1.50 -19.41 7.10
C SER A 307 -1.48 -19.41 7.12
N LEU A 308 -0.92 -20.21 6.21
CA LEU A 308 -0.12 -19.73 5.10
C LEU A 308 -0.43 -20.53 3.84
N TYR A 309 -0.67 -19.84 2.74
CA TYR A 309 -0.79 -20.46 1.44
C TYR A 309 0.32 -19.97 0.53
N HIS A 310 1.09 -20.89 -0.03
CA HIS A 310 2.18 -20.54 -0.91
C HIS A 310 1.65 -20.25 -2.30
N ILE A 311 1.75 -19.00 -2.72
CA ILE A 311 1.24 -18.59 -4.03
C ILE A 311 2.32 -18.83 -5.06
N GLN A 312 2.07 -19.78 -5.95
CA GLN A 312 2.96 -20.07 -7.06
C GLN A 312 2.41 -19.56 -8.37
N SER A 313 1.11 -19.57 -8.52
CA SER A 313 0.43 -18.94 -9.64
C SER A 313 -0.78 -18.18 -9.12
N ALA A 314 -1.02 -17.01 -9.69
CA ALA A 314 -2.18 -16.21 -9.32
C ALA A 314 -3.16 -16.11 -10.47
N PRO A 322 -12.29 -18.57 -5.27
CA PRO A 322 -12.03 -18.51 -3.83
C PRO A 322 -10.54 -18.43 -3.50
N VAL A 323 -10.25 -18.12 -2.24
CA VAL A 323 -8.91 -17.89 -1.74
C VAL A 323 -8.56 -19.01 -0.75
N PRO A 324 -7.63 -19.88 -1.08
CA PRO A 324 -7.25 -20.95 -0.14
C PRO A 324 -6.61 -20.37 1.10
N VAL A 325 -6.95 -20.94 2.25
CA VAL A 325 -6.27 -20.52 3.47
C VAL A 325 -4.92 -21.19 3.63
N GLY A 326 -4.71 -22.32 2.99
CA GLY A 326 -3.42 -22.98 3.06
C GLY A 326 -3.28 -23.86 4.29
N THR A 327 -2.05 -23.94 4.78
CA THR A 327 -1.68 -24.87 5.84
C THR A 327 -1.57 -24.13 7.16
N PRO A 328 -2.35 -24.52 8.17
CA PRO A 328 -2.24 -23.86 9.47
C PRO A 328 -0.85 -23.97 10.07
N LEU A 329 -0.51 -22.98 10.87
CA LEU A 329 0.71 -22.99 11.63
C LEU A 329 0.67 -24.09 12.68
N PRO A 330 1.82 -24.40 13.28
CA PRO A 330 1.86 -25.43 14.32
C PRO A 330 0.87 -25.15 15.43
N LEU A 331 0.16 -26.20 15.84
CA LEU A 331 -0.82 -26.21 16.92
C LEU A 331 -2.08 -25.42 16.60
N VAL A 332 -2.29 -25.07 15.33
CA VAL A 332 -3.51 -24.41 14.88
C VAL A 332 -4.33 -25.41 14.09
N GLU A 333 -5.64 -25.45 14.36
CA GLU A 333 -6.59 -26.24 13.60
C GLU A 333 -7.65 -25.33 13.02
N MET A 334 -8.09 -25.63 11.80
CA MET A 334 -9.12 -24.86 11.12
C MET A 334 -10.19 -25.77 10.57
N VAL A 335 -11.45 -25.39 10.77
CA VAL A 335 -12.61 -26.14 10.31
C VAL A 335 -13.66 -25.15 9.84
N VAL A 336 -14.44 -25.54 8.83
CA VAL A 336 -15.58 -24.74 8.39
C VAL A 336 -16.84 -25.41 8.90
N PHE A 337 -17.60 -24.70 9.73
CA PHE A 337 -18.87 -25.15 10.24
C PHE A 337 -19.98 -24.27 9.69
N ASN A 338 -21.16 -24.86 9.51
CA ASN A 338 -22.30 -24.06 9.10
C ASN A 338 -22.96 -23.44 10.33
N GLU A 339 -24.14 -22.89 10.11
CA GLU A 339 -24.86 -22.18 11.14
C GLU A 339 -25.32 -23.07 12.28
N ARG A 340 -25.45 -24.37 12.04
CA ARG A 340 -25.80 -25.31 13.08
C ARG A 340 -24.59 -26.05 13.61
N LEU A 341 -23.40 -25.50 13.38
CA LEU A 341 -22.14 -26.03 13.88
C LEU A 341 -21.85 -27.43 13.36
N GLN A 342 -22.25 -27.67 12.13
CA GLN A 342 -21.96 -28.90 11.41
C GLN A 342 -20.86 -28.66 10.39
N PRO A 343 -19.92 -29.59 10.30
CA PRO A 343 -18.83 -29.45 9.32
C PRO A 343 -19.39 -29.39 7.91
N CYS A 344 -19.01 -28.36 7.18
CA CYS A 344 -19.56 -28.14 5.85
C CYS A 344 -19.12 -29.22 4.88
N THR A 345 -19.99 -29.49 3.91
CA THR A 345 -19.66 -30.33 2.79
C THR A 345 -19.04 -29.49 1.69
N CYS A 346 -18.60 -30.17 0.65
CA CYS A 346 -17.97 -29.48 -0.46
C CYS A 346 -18.92 -28.46 -1.07
N GLY A 347 -18.49 -27.21 -1.10
CA GLY A 347 -19.27 -26.15 -1.67
C GLY A 347 -20.33 -25.56 -0.79
N GLU A 348 -20.63 -26.18 0.35
CA GLU A 348 -21.52 -25.57 1.33
C GLU A 348 -20.80 -24.43 2.03
N TYR A 349 -21.44 -23.27 2.07
CA TYR A 349 -20.85 -22.09 2.68
C TYR A 349 -21.11 -22.07 4.18
N GLY A 350 -20.07 -21.74 4.93
CA GLY A 350 -20.17 -21.57 6.37
C GLY A 350 -19.18 -20.54 6.83
N GLU A 351 -18.76 -20.65 8.08
CA GLU A 351 -17.78 -19.75 8.65
C GLU A 351 -16.51 -20.53 9.01
N LEU A 352 -15.37 -19.86 8.88
CA LEU A 352 -14.12 -20.40 9.39
C LEU A 352 -14.11 -20.37 10.91
N PHE A 353 -13.81 -21.51 11.51
CA PHE A 353 -13.56 -21.63 12.94
C PHE A 353 -12.11 -22.02 13.17
N ILE A 354 -11.49 -21.45 14.19
CA ILE A 354 -10.09 -21.68 14.49
C ILE A 354 -9.94 -22.22 15.90
N ALA A 355 -9.18 -23.30 16.05
CA ALA A 355 -8.88 -23.89 17.35
C ALA A 355 -7.38 -24.01 17.54
N GLY A 356 -6.99 -24.32 18.75
CA GLY A 356 -5.61 -24.63 19.05
C GLY A 356 -4.95 -23.63 19.98
N ALA A 357 -3.62 -23.59 19.90
CA ALA A 357 -2.85 -22.87 20.90
C ALA A 357 -3.03 -21.37 20.82
N GLY A 358 -3.46 -20.87 19.66
CA GLY A 358 -3.61 -19.44 19.50
C GLY A 358 -4.92 -18.87 19.99
N VAL A 359 -5.89 -19.71 20.34
CA VAL A 359 -7.22 -19.19 20.61
C VAL A 359 -7.17 -18.28 21.83
N ALA A 360 -7.77 -17.10 21.69
CA ALA A 360 -7.76 -16.16 22.78
C ALA A 360 -8.47 -16.72 24.02
N LEU A 361 -8.14 -16.14 25.15
CA LEU A 361 -8.86 -16.49 26.36
C LEU A 361 -10.30 -15.98 26.33
N GLY A 362 -10.53 -14.91 25.61
CA GLY A 362 -11.86 -14.45 25.39
C GLY A 362 -11.90 -12.94 25.34
N TYR A 363 -13.10 -12.41 25.46
CA TYR A 363 -13.31 -10.99 25.57
C TYR A 363 -13.44 -10.60 27.04
N SER A 364 -13.48 -9.30 27.29
CA SER A 364 -13.54 -8.85 28.67
C SER A 364 -14.89 -9.15 29.32
N ASP A 365 -15.96 -9.29 28.54
CA ASP A 365 -17.27 -9.64 29.07
C ASP A 365 -17.53 -11.10 28.76
N PRO A 366 -17.84 -11.94 29.75
CA PRO A 366 -18.00 -13.38 29.47
C PRO A 366 -19.20 -13.73 28.62
N GLN A 367 -20.23 -12.90 28.56
CA GLN A 367 -21.33 -13.20 27.66
C GLN A 367 -20.93 -12.96 26.22
N LEU A 368 -20.03 -12.02 25.98
CA LEU A 368 -19.46 -11.86 24.64
C LEU A 368 -18.56 -13.03 24.27
N THR A 369 -17.79 -13.53 25.24
CA THR A 369 -16.95 -14.68 24.99
C THR A 369 -17.76 -15.91 24.65
N ALA A 370 -18.84 -16.16 25.39
CA ALA A 370 -19.59 -17.40 25.23
C ALA A 370 -20.17 -17.56 23.83
N GLU A 371 -20.52 -16.46 23.17
CA GLU A 371 -21.15 -16.58 21.86
C GLU A 371 -20.16 -16.74 20.71
N ARG A 372 -18.88 -16.43 20.91
CA ARG A 372 -17.89 -16.56 19.85
C ARG A 372 -16.82 -17.60 20.12
N PHE A 373 -16.67 -18.05 21.34
CA PHE A 373 -15.69 -19.09 21.68
C PHE A 373 -16.50 -20.31 22.11
N ILE A 374 -16.59 -21.29 21.21
CA ILE A 374 -17.58 -22.35 21.26
C ILE A 374 -16.88 -23.69 21.31
N THR A 375 -17.30 -24.56 22.21
CA THR A 375 -16.77 -25.91 22.29
C THR A 375 -17.56 -26.81 21.36
N ILE A 376 -16.85 -27.48 20.46
N ILE A 376 -16.85 -27.49 20.46
CA ILE A 376 -17.45 -28.35 19.46
CA ILE A 376 -17.46 -28.34 19.46
C ILE A 376 -16.69 -29.66 19.40
C ILE A 376 -16.69 -29.66 19.40
N PRO A 377 -17.35 -30.80 19.45
CA PRO A 377 -16.65 -32.08 19.30
C PRO A 377 -16.09 -32.23 17.90
N TYR A 378 -14.80 -32.41 17.80
CA TYR A 378 -14.13 -32.49 16.52
C TYR A 378 -12.99 -33.50 16.62
N GLN A 379 -13.12 -34.56 15.84
CA GLN A 379 -12.08 -35.58 15.73
C GLN A 379 -11.66 -36.08 17.11
N GLY A 380 -12.64 -36.29 17.97
CA GLY A 380 -12.42 -36.92 19.25
C GLY A 380 -12.12 -35.98 20.40
N THR A 381 -12.07 -34.68 20.16
CA THR A 381 -11.79 -33.70 21.19
C THR A 381 -12.94 -32.71 21.29
N ASP A 382 -13.30 -32.34 22.51
CA ASP A 382 -14.24 -31.25 22.74
C ASP A 382 -13.42 -29.98 22.66
N MET A 383 -13.36 -29.45 21.46
CA MET A 383 -12.37 -28.44 21.11
C MET A 383 -12.99 -27.04 21.17
N LEU A 384 -12.25 -26.10 21.75
CA LEU A 384 -12.67 -24.71 21.78
C LEU A 384 -12.32 -24.03 20.45
N PHE A 385 -13.33 -23.53 19.76
CA PHE A 385 -13.15 -22.82 18.50
C PHE A 385 -13.53 -21.35 18.66
N TYR A 386 -12.79 -20.48 17.98
CA TYR A 386 -13.23 -19.12 17.73
C TYR A 386 -13.98 -19.07 16.40
N ARG A 387 -15.19 -18.53 16.43
CA ARG A 387 -16.03 -18.37 15.25
C ARG A 387 -15.67 -17.05 14.57
N THR A 388 -14.98 -17.13 13.45
CA THR A 388 -14.65 -15.91 12.72
C THR A 388 -15.85 -15.38 11.95
N ASP A 389 -15.67 -14.22 11.35
CA ASP A 389 -16.61 -13.66 10.40
C ASP A 389 -16.30 -14.06 8.96
N ASP A 390 -15.29 -14.90 8.75
CA ASP A 390 -14.85 -15.26 7.40
C ASP A 390 -15.73 -16.35 6.82
N ARG A 391 -16.42 -16.04 5.73
CA ARG A 391 -17.19 -17.04 5.02
C ARG A 391 -16.26 -17.95 4.25
N ALA A 392 -16.56 -19.24 4.27
CA ALA A 392 -15.64 -20.24 3.76
C ALA A 392 -16.40 -21.49 3.35
N THR A 393 -15.69 -22.37 2.67
CA THR A 393 -16.21 -23.67 2.31
C THR A 393 -15.02 -24.60 2.10
N TYR A 394 -15.33 -25.83 1.71
CA TYR A 394 -14.31 -26.81 1.37
C TYR A 394 -14.32 -27.04 -0.13
N ASP A 395 -13.13 -27.21 -0.71
CA ASP A 395 -13.07 -27.59 -2.11
C ASP A 395 -13.15 -29.11 -2.23
N GLN A 396 -13.04 -29.58 -3.45
CA GLN A 396 -13.23 -31.00 -3.69
C GLN A 396 -12.15 -31.85 -3.06
N ASP A 397 -11.04 -31.24 -2.65
CA ASP A 397 -9.95 -31.94 -2.00
C ASP A 397 -9.94 -31.75 -0.49
N ARG A 398 -11.02 -31.21 0.07
CA ARG A 398 -11.16 -30.94 1.50
C ARG A 398 -10.22 -29.85 1.99
N ASN A 399 -9.79 -28.96 1.10
CA ASN A 399 -9.05 -27.79 1.49
C ASN A 399 -10.01 -26.64 1.75
N ILE A 400 -9.69 -25.85 2.75
CA ILE A 400 -10.50 -24.70 3.12
C ILE A 400 -10.20 -23.53 2.18
N VAL A 401 -11.25 -22.92 1.66
CA VAL A 401 -11.13 -21.73 0.82
C VAL A 401 -12.09 -20.67 1.34
N LEU A 402 -11.65 -19.42 1.27
CA LEU A 402 -12.49 -18.28 1.62
C LEU A 402 -13.34 -17.86 0.43
N VAL A 403 -14.59 -17.51 0.70
CA VAL A 403 -15.50 -17.14 -0.37
C VAL A 403 -16.11 -15.78 -0.14
N LEU B 12 -11.43 20.97 -28.99
CA LEU B 12 -10.14 20.55 -28.47
C LEU B 12 -8.97 21.11 -29.22
N LYS B 13 -8.09 21.78 -28.49
CA LYS B 13 -6.86 22.31 -29.05
C LYS B 13 -5.67 21.50 -28.53
N ALA B 14 -4.50 21.81 -29.07
CA ALA B 14 -3.30 21.19 -28.57
C ALA B 14 -3.01 21.67 -27.15
N VAL B 15 -2.20 20.88 -26.45
CA VAL B 15 -1.87 21.18 -25.05
C VAL B 15 -1.31 22.59 -24.87
N PRO B 16 -0.35 23.05 -25.67
CA PRO B 16 0.20 24.40 -25.43
C PRO B 16 -0.85 25.49 -25.54
N ASP B 17 -1.82 25.34 -26.42
CA ASP B 17 -2.81 26.39 -26.58
C ASP B 17 -3.81 26.38 -25.44
N ILE B 18 -4.14 25.21 -24.90
CA ILE B 18 -4.98 25.17 -23.73
C ILE B 18 -4.23 25.74 -22.52
N PHE B 19 -2.96 25.38 -22.35
CA PHE B 19 -2.22 25.93 -21.23
C PHE B 19 -2.11 27.45 -21.32
N ASP B 20 -1.88 27.97 -22.52
CA ASP B 20 -1.83 29.42 -22.70
C ASP B 20 -3.11 30.11 -22.25
N GLU B 21 -4.25 29.59 -22.68
CA GLU B 21 -5.52 30.17 -22.24
C GLU B 21 -5.64 30.10 -20.72
N ILE B 22 -5.34 28.94 -20.15
CA ILE B 22 -5.50 28.75 -18.70
C ILE B 22 -4.57 29.70 -17.95
N SER B 23 -3.34 29.84 -18.41
CA SER B 23 -2.38 30.71 -17.76
C SER B 23 -2.73 32.18 -17.93
N GLN B 24 -3.51 32.50 -18.95
CA GLN B 24 -3.98 33.85 -19.12
C GLN B 24 -5.27 34.12 -18.37
N ARG B 25 -6.03 33.07 -18.06
CA ARG B 25 -7.23 33.22 -17.24
C ARG B 25 -6.90 33.19 -15.75
N PHE B 26 -5.87 32.44 -15.37
CA PHE B 26 -5.54 32.23 -13.96
C PHE B 26 -4.07 32.54 -13.68
N PRO B 27 -3.57 33.71 -14.10
CA PRO B 27 -2.14 33.99 -13.98
C PRO B 27 -1.60 33.94 -12.57
N ASP B 28 -2.41 34.33 -11.60
CA ASP B 28 -1.92 34.48 -10.24
C ASP B 28 -2.21 33.27 -9.36
N ARG B 29 -2.88 32.27 -9.89
CA ARG B 29 -3.04 31.02 -9.17
C ARG B 29 -1.72 30.25 -9.17
N VAL B 30 -1.54 29.45 -8.12
CA VAL B 30 -0.37 28.59 -8.02
C VAL B 30 -0.56 27.38 -8.92
N ALA B 31 0.41 27.16 -9.80
CA ALA B 31 0.45 26.00 -10.69
C ALA B 31 1.28 24.86 -10.14
N LEU B 32 2.43 25.16 -9.56
CA LEU B 32 3.35 24.15 -9.07
C LEU B 32 3.81 24.48 -7.66
N ILE B 33 3.84 23.47 -6.80
CA ILE B 33 4.43 23.56 -5.48
C ILE B 33 5.47 22.46 -5.33
N PHE B 34 6.68 22.84 -4.93
CA PHE B 34 7.74 21.89 -4.61
C PHE B 34 8.44 22.39 -3.35
N ASP B 35 8.31 21.63 -2.27
CA ASP B 35 8.83 22.05 -0.98
C ASP B 35 8.19 23.37 -0.64
N GLN B 36 8.97 24.44 -0.61
CA GLN B 36 8.44 25.76 -0.30
C GLN B 36 8.47 26.67 -1.52
N ARG B 37 8.79 26.15 -2.69
CA ARG B 37 8.78 26.92 -3.91
C ARG B 37 7.37 26.87 -4.49
N LYS B 38 6.79 28.04 -4.77
CA LYS B 38 5.50 28.14 -5.40
C LYS B 38 5.66 28.88 -6.71
N ILE B 39 5.08 28.35 -7.75
CA ILE B 39 5.18 28.92 -9.09
C ILE B 39 3.78 29.17 -9.61
N THR B 40 3.48 30.43 -9.90
CA THR B 40 2.18 30.75 -10.46
C THR B 40 2.11 30.34 -11.92
N TYR B 41 0.89 30.39 -12.46
CA TYR B 41 0.71 30.10 -13.87
C TYR B 41 1.43 31.10 -14.76
N ARG B 42 1.40 32.38 -14.38
CA ARG B 42 2.08 33.39 -15.16
C ARG B 42 3.57 33.11 -15.22
N GLU B 43 4.16 32.75 -14.09
CA GLU B 43 5.58 32.43 -14.06
C GLU B 43 5.88 31.15 -14.83
N LEU B 44 5.02 30.16 -14.68
CA LEU B 44 5.22 28.90 -15.41
C LEU B 44 5.12 29.11 -16.91
N ALA B 45 4.20 29.97 -17.36
CA ALA B 45 4.12 30.29 -18.78
C ALA B 45 5.40 30.95 -19.27
N GLU B 46 5.94 31.89 -18.49
CA GLU B 46 7.19 32.53 -18.87
C GLU B 46 8.36 31.54 -18.92
N GLN B 47 8.45 30.69 -17.91
CA GLN B 47 9.55 29.74 -17.87
C GLN B 47 9.43 28.73 -19.00
N CYS B 48 8.20 28.29 -19.29
CA CYS B 48 7.98 27.36 -20.40
C CYS B 48 8.38 27.97 -21.74
N SER B 49 8.01 29.24 -21.99
CA SER B 49 8.36 29.86 -23.26
C SER B 49 9.86 30.05 -23.38
N ALA B 50 10.50 30.49 -22.30
CA ALA B 50 11.94 30.67 -22.35
C ALA B 50 12.65 29.37 -22.66
N LEU B 51 12.21 28.27 -22.05
CA LEU B 51 12.87 27.00 -22.29
C LEU B 51 12.55 26.47 -23.68
N ALA B 52 11.32 26.69 -24.14
CA ALA B 52 10.97 26.29 -25.49
C ALA B 52 11.84 27.00 -26.52
N ALA B 53 12.12 28.28 -26.30
CA ALA B 53 12.98 29.00 -27.23
C ALA B 53 14.39 28.43 -27.23
N VAL B 54 14.88 28.04 -26.06
CA VAL B 54 16.16 27.36 -25.97
C VAL B 54 16.12 26.02 -26.69
N LEU B 55 15.03 25.27 -26.54
CA LEU B 55 14.98 23.97 -27.17
C LEU B 55 15.01 24.07 -28.68
N GLN B 56 14.56 25.19 -29.23
CA GLN B 56 14.74 25.47 -30.65
C GLN B 56 16.03 26.23 -30.91
N ASN B 57 16.98 26.18 -29.99
CA ASN B 57 18.35 26.64 -30.16
C ASN B 57 19.30 25.48 -30.15
N ASN B 58 18.87 24.36 -29.57
N ASN B 58 18.88 24.37 -29.57
CA ASN B 58 19.55 23.09 -29.66
CA ASN B 58 19.62 23.13 -29.69
C ASN B 58 19.04 22.41 -30.93
C ASN B 58 19.03 22.41 -30.91
N CYS B 59 19.25 21.13 -31.06
CA CYS B 59 18.84 20.43 -32.26
C CYS B 59 17.38 19.98 -32.27
N LEU B 60 16.52 20.49 -31.37
CA LEU B 60 15.15 20.00 -31.30
C LEU B 60 14.21 20.66 -32.30
N ILE B 61 13.50 19.83 -33.05
N ILE B 61 13.51 19.83 -33.07
CA ILE B 61 12.56 20.24 -34.11
CA ILE B 61 12.57 20.22 -34.11
C ILE B 61 11.23 19.55 -33.84
C ILE B 61 11.24 19.54 -33.86
N LYS B 62 10.16 20.18 -34.33
CA LYS B 62 8.84 19.59 -34.25
C LYS B 62 8.85 18.16 -34.80
N GLY B 63 8.27 17.24 -34.03
CA GLY B 63 8.27 15.84 -34.39
C GLY B 63 9.40 15.02 -33.84
N ASP B 64 10.42 15.64 -33.26
CA ASP B 64 11.52 14.90 -32.64
C ASP B 64 11.01 14.08 -31.48
N ILE B 65 11.49 12.85 -31.36
CA ILE B 65 11.18 11.97 -30.25
C ILE B 65 12.20 12.23 -29.15
N VAL B 66 11.73 12.75 -28.02
CA VAL B 66 12.60 13.25 -26.96
C VAL B 66 12.19 12.60 -25.66
N ALA B 67 13.04 11.76 -25.10
CA ALA B 67 12.78 11.16 -23.81
C ALA B 67 13.16 12.11 -22.69
N ILE B 68 12.47 11.97 -21.55
CA ILE B 68 12.68 12.81 -20.38
C ILE B 68 12.93 11.93 -19.18
N LYS B 69 14.07 12.11 -18.54
CA LYS B 69 14.37 11.43 -17.29
C LYS B 69 14.84 12.48 -16.28
N ILE B 70 13.89 13.08 -15.60
CA ILE B 70 14.16 14.11 -14.61
C ILE B 70 13.38 13.75 -13.35
N GLU B 71 14.05 13.82 -12.20
CA GLU B 71 13.37 13.60 -10.94
C GLU B 71 12.25 14.60 -10.74
N ARG B 72 11.27 14.21 -9.95
CA ARG B 72 10.19 15.13 -9.62
C ARG B 72 10.78 16.42 -9.08
N SER B 73 10.36 17.52 -9.65
CA SER B 73 10.91 18.84 -9.48
C SER B 73 10.11 19.78 -10.38
N PRO B 74 10.11 21.08 -10.12
CA PRO B 74 9.42 21.98 -11.05
C PRO B 74 9.93 21.85 -12.47
N GLU B 75 11.24 21.65 -12.60
CA GLU B 75 11.85 21.55 -13.91
C GLU B 75 11.24 20.44 -14.75
N LEU B 76 10.85 19.34 -14.12
CA LEU B 76 10.29 18.22 -14.87
C LEU B 76 9.10 18.67 -15.69
N TYR B 77 8.21 19.44 -15.08
CA TYR B 77 6.98 19.83 -15.75
C TYR B 77 7.19 21.04 -16.64
N ILE B 78 8.18 21.88 -16.33
CA ILE B 78 8.54 22.95 -17.26
C ILE B 78 9.04 22.35 -18.57
N PHE B 79 9.86 21.30 -18.47
CA PHE B 79 10.32 20.62 -19.68
C PHE B 79 9.18 19.97 -20.44
N MET B 80 8.25 19.33 -19.73
CA MET B 80 7.14 18.74 -20.43
C MET B 80 6.39 19.79 -21.24
N LEU B 81 6.11 20.93 -20.62
CA LEU B 81 5.37 21.98 -21.30
C LEU B 81 6.17 22.56 -22.47
N ALA B 82 7.47 22.71 -22.30
CA ALA B 82 8.28 23.29 -23.38
C ALA B 82 8.37 22.34 -24.56
N LEU B 83 8.48 21.05 -24.30
CA LEU B 83 8.53 20.09 -25.39
C LEU B 83 7.20 20.05 -26.13
N MET B 84 6.09 20.07 -25.41
CA MET B 84 4.77 20.23 -26.02
C MET B 84 4.71 21.46 -26.89
N LYS B 85 5.18 22.58 -26.37
CA LYS B 85 5.09 23.85 -27.08
C LYS B 85 5.80 23.79 -28.42
N ILE B 86 6.93 23.09 -28.50
CA ILE B 86 7.69 23.06 -29.75
C ILE B 86 7.26 21.93 -30.67
N GLY B 87 6.30 21.12 -30.28
CA GLY B 87 5.87 20.04 -31.15
C GLY B 87 6.69 18.78 -31.05
N ALA B 88 7.46 18.62 -29.99
CA ALA B 88 8.21 17.40 -29.78
C ALA B 88 7.30 16.33 -29.16
N VAL B 89 7.75 15.08 -29.30
CA VAL B 89 7.03 13.93 -28.80
C VAL B 89 7.80 13.40 -27.59
N MET B 90 7.24 13.59 -26.40
CA MET B 90 7.98 13.27 -25.18
C MET B 90 7.85 11.79 -24.85
N VAL B 91 8.94 11.22 -24.35
CA VAL B 91 8.94 9.84 -23.87
C VAL B 91 9.31 9.85 -22.39
N PRO B 92 8.35 9.88 -21.48
CA PRO B 92 8.70 10.00 -20.06
C PRO B 92 9.31 8.73 -19.54
N VAL B 93 10.37 8.89 -18.75
CA VAL B 93 11.10 7.77 -18.15
C VAL B 93 11.27 8.10 -16.67
N ASN B 94 10.91 7.16 -15.80
CA ASN B 94 11.02 7.42 -14.38
C ASN B 94 12.47 7.34 -13.93
N SER B 95 12.85 8.25 -13.05
CA SER B 95 14.25 8.45 -12.72
C SER B 95 14.87 7.23 -12.05
N ASN B 96 14.09 6.44 -11.33
CA ASN B 96 14.64 5.28 -10.67
C ASN B 96 14.56 4.03 -11.55
N SER B 97 14.52 4.22 -12.87
CA SER B 97 14.43 3.05 -13.71
C SER B 97 15.82 2.53 -14.07
N PRO B 98 15.98 1.21 -14.10
CA PRO B 98 17.29 0.64 -14.43
C PRO B 98 17.67 0.96 -15.85
N GLU B 99 18.96 1.19 -16.05
CA GLU B 99 19.42 1.67 -17.35
C GLU B 99 19.16 0.66 -18.44
N ARG B 100 19.10 -0.64 -18.09
CA ARG B 100 18.71 -1.63 -19.08
C ARG B 100 17.29 -1.38 -19.58
N TYR B 101 16.36 -1.13 -18.66
CA TYR B 101 14.99 -0.85 -19.06
C TYR B 101 14.90 0.46 -19.81
N ILE B 102 15.66 1.48 -19.39
CA ILE B 102 15.68 2.74 -20.10
C ILE B 102 16.06 2.54 -21.56
N GLY B 103 17.11 1.76 -21.81
CA GLY B 103 17.51 1.53 -23.18
C GLY B 103 16.43 0.83 -23.97
N GLU B 104 15.70 -0.05 -23.31
CA GLU B 104 14.60 -0.81 -23.98
C GLU B 104 13.47 0.16 -24.35
N VAL B 105 13.14 1.09 -23.46
CA VAL B 105 12.09 2.06 -23.72
C VAL B 105 12.49 3.00 -24.86
N LEU B 106 13.71 3.53 -24.80
CA LEU B 106 14.14 4.46 -25.84
C LEU B 106 14.20 3.78 -27.20
N SER B 107 14.61 2.52 -27.23
CA SER B 107 14.66 1.78 -28.49
C SER B 107 13.26 1.57 -29.06
N ALA B 108 12.34 1.10 -28.23
CA ALA B 108 10.98 0.87 -28.69
C ALA B 108 10.32 2.17 -29.15
N ALA B 109 10.59 3.26 -28.45
CA ALA B 109 10.00 4.53 -28.82
C ALA B 109 10.67 5.18 -30.01
N GLY B 110 11.86 4.74 -30.37
CA GLY B 110 12.60 5.44 -31.40
C GLY B 110 13.10 6.79 -30.98
N ALA B 111 13.45 6.95 -29.72
CA ALA B 111 13.93 8.23 -29.24
C ALA B 111 15.26 8.58 -29.86
N ARG B 112 15.42 9.86 -30.17
CA ARG B 112 16.66 10.42 -30.67
C ARG B 112 17.39 11.23 -29.61
N TYR B 113 16.69 11.71 -28.60
CA TYR B 113 17.26 12.48 -27.52
C TYR B 113 16.76 11.96 -26.19
N LEU B 114 17.59 12.14 -25.16
CA LEU B 114 17.23 11.90 -23.77
C LEU B 114 17.67 13.11 -22.96
N ILE B 115 16.71 13.89 -22.48
CA ILE B 115 17.00 14.97 -21.56
C ILE B 115 17.00 14.39 -20.16
N SER B 116 18.14 14.49 -19.48
CA SER B 116 18.33 13.84 -18.19
C SER B 116 18.94 14.82 -17.19
N ASP B 117 18.54 14.66 -15.94
CA ASP B 117 19.21 15.36 -14.86
C ASP B 117 20.35 14.54 -14.26
N ASP B 118 20.44 13.29 -14.65
CA ASP B 118 21.53 12.39 -14.30
C ASP B 118 21.74 12.29 -12.79
N VAL B 119 20.63 12.25 -12.07
CA VAL B 119 20.67 11.79 -10.69
C VAL B 119 20.77 10.27 -10.70
N THR B 120 20.47 9.64 -11.83
CA THR B 120 20.60 8.21 -12.04
C THR B 120 21.29 7.95 -13.38
N SER B 121 21.82 6.75 -13.50
CA SER B 121 22.61 6.36 -14.66
C SER B 121 21.75 6.32 -15.93
N VAL B 122 22.41 6.48 -17.07
CA VAL B 122 21.77 6.44 -18.38
C VAL B 122 22.36 5.30 -19.23
N PRO B 123 21.55 4.64 -20.04
CA PRO B 123 22.00 3.42 -20.72
C PRO B 123 23.07 3.54 -21.80
N GLY B 124 22.86 4.39 -22.80
CA GLY B 124 23.77 4.49 -23.93
C GLY B 124 23.21 3.82 -25.17
N GLY B 125 23.20 4.51 -26.30
CA GLY B 125 22.64 3.95 -27.52
C GLY B 125 22.44 5.02 -28.59
N ALA B 126 21.49 4.75 -29.48
CA ALA B 126 21.27 5.58 -30.68
C ALA B 126 20.46 6.83 -30.34
N TRP B 127 20.99 7.60 -29.41
CA TRP B 127 20.36 8.85 -29.01
C TRP B 127 21.42 9.68 -28.32
N HIS B 128 21.16 10.97 -28.23
CA HIS B 128 22.06 11.85 -27.53
C HIS B 128 21.44 12.31 -26.22
N VAL B 129 22.27 12.35 -25.18
CA VAL B 129 21.85 12.74 -23.85
C VAL B 129 22.13 14.22 -23.69
N LEU B 130 21.11 14.97 -23.31
CA LEU B 130 21.21 16.39 -23.05
C LEU B 130 21.02 16.67 -21.57
N SER B 131 21.79 17.61 -21.04
CA SER B 131 21.68 17.96 -19.63
C SER B 131 20.52 18.91 -19.42
N SER B 132 19.57 18.50 -18.59
CA SER B 132 18.48 19.40 -18.26
C SER B 132 18.97 20.64 -17.52
N ARG B 133 20.01 20.49 -16.71
CA ARG B 133 20.55 21.63 -15.98
C ARG B 133 21.12 22.67 -16.92
N THR B 134 21.87 22.23 -17.93
N THR B 134 21.86 22.22 -17.92
CA THR B 134 22.47 23.18 -18.84
CA THR B 134 22.48 23.15 -18.86
C THR B 134 21.43 23.87 -19.70
C THR B 134 21.45 23.85 -19.72
N LEU B 135 20.42 23.12 -20.13
CA LEU B 135 19.35 23.72 -20.89
C LEU B 135 18.63 24.79 -20.07
N ILE B 136 18.39 24.50 -18.80
CA ILE B 136 17.76 25.50 -17.94
C ILE B 136 18.62 26.75 -17.85
N GLN B 137 19.92 26.56 -17.65
CA GLN B 137 20.83 27.70 -17.49
C GLN B 137 20.93 28.54 -18.76
N ASN B 138 20.59 27.98 -19.90
CA ASN B 138 20.68 28.73 -21.14
C ASN B 138 19.47 29.62 -21.39
N CYS B 139 18.51 29.66 -20.49
CA CYS B 139 17.27 30.41 -20.72
C CYS B 139 17.48 31.91 -20.57
N THR B 140 17.77 32.57 -21.68
CA THR B 140 17.95 34.01 -21.70
C THR B 140 17.57 34.57 -23.06
N GLY B 145 9.23 33.50 -29.95
CA GLY B 145 9.70 32.49 -30.87
C GLY B 145 8.59 31.99 -31.76
N ASN B 146 8.95 31.23 -32.79
CA ASN B 146 7.98 30.66 -33.73
C ASN B 146 7.57 29.28 -33.27
N TYR B 147 6.54 29.23 -32.45
CA TYR B 147 5.95 28.01 -31.93
C TYR B 147 4.81 27.55 -32.83
N PRO B 148 4.69 26.25 -33.04
CA PRO B 148 3.67 25.75 -33.96
C PRO B 148 2.28 25.94 -33.41
N VAL B 149 1.32 26.14 -34.32
CA VAL B 149 -0.09 26.02 -33.99
C VAL B 149 -0.44 24.56 -34.28
N LEU B 150 -0.31 23.73 -33.25
CA LEU B 150 -0.41 22.28 -33.41
C LEU B 150 -1.86 21.84 -33.56
N SER B 151 -2.03 20.72 -34.24
CA SER B 151 -3.30 20.04 -34.31
C SER B 151 -3.50 19.17 -33.08
N ALA B 152 -4.74 19.11 -32.61
CA ALA B 152 -5.07 18.18 -31.54
C ALA B 152 -4.73 16.74 -31.92
N ASP B 153 -4.62 16.44 -33.20
CA ASP B 153 -4.26 15.10 -33.62
C ASP B 153 -2.75 14.90 -33.78
N ASP B 154 -1.96 15.94 -33.57
CA ASP B 154 -0.52 15.77 -33.63
C ASP B 154 -0.04 14.93 -32.46
N PRO B 155 1.02 14.16 -32.64
CA PRO B 155 1.55 13.35 -31.55
C PRO B 155 2.16 14.20 -30.45
N ALA B 156 1.93 13.77 -29.21
CA ALA B 156 2.43 14.53 -28.04
C ALA B 156 3.33 13.68 -27.16
N LEU B 157 3.01 12.39 -27.02
CA LEU B 157 3.70 11.58 -26.01
C LEU B 157 3.75 10.10 -26.42
N ILE B 158 4.79 9.40 -25.96
CA ILE B 158 4.87 7.93 -26.19
C ILE B 158 4.99 7.26 -24.83
N LEU B 159 4.13 6.29 -24.58
CA LEU B 159 4.12 5.52 -23.35
C LEU B 159 4.25 4.04 -23.69
N MET B 160 4.78 3.30 -22.75
CA MET B 160 4.88 1.87 -22.90
C MET B 160 3.65 1.20 -22.30
N THR B 161 3.25 0.08 -22.86
CA THR B 161 2.09 -0.53 -22.24
C THR B 161 2.55 -1.47 -21.15
N GLY B 166 6.94 -8.99 -22.58
CA GLY B 166 8.37 -9.16 -22.76
C GLY B 166 9.05 -7.82 -22.84
N LYS B 167 9.57 -7.51 -24.01
CA LYS B 167 10.05 -6.19 -24.32
C LYS B 167 8.86 -5.26 -24.54
N PRO B 168 8.99 -3.99 -24.18
CA PRO B 168 7.80 -3.13 -24.08
C PRO B 168 7.24 -2.77 -25.44
N LYS B 169 5.94 -2.49 -25.44
CA LYS B 169 5.22 -2.06 -26.63
C LYS B 169 4.95 -0.56 -26.55
N SER B 170 5.32 0.16 -27.60
CA SER B 170 5.18 1.61 -27.61
C SER B 170 3.79 2.02 -28.05
N VAL B 171 3.26 3.06 -27.40
CA VAL B 171 1.94 3.61 -27.68
C VAL B 171 2.09 5.09 -27.95
N LEU B 172 1.69 5.52 -29.14
CA LEU B 172 1.80 6.91 -29.54
C LEU B 172 0.51 7.65 -29.20
N ILE B 173 0.63 8.72 -28.43
CA ILE B 173 -0.51 9.42 -27.87
C ILE B 173 -0.58 10.84 -28.46
N ALA B 174 -1.78 11.23 -28.87
CA ALA B 174 -2.03 12.54 -29.47
C ALA B 174 -2.28 13.61 -28.41
N HIS B 175 -2.12 14.86 -28.83
CA HIS B 175 -2.37 15.99 -27.94
C HIS B 175 -3.76 15.92 -27.33
N ARG B 176 -4.76 15.59 -28.15
CA ARG B 176 -6.13 15.50 -27.65
C ARG B 176 -6.26 14.49 -26.51
N GLY B 177 -5.42 13.46 -26.52
CA GLY B 177 -5.53 12.43 -25.50
C GLY B 177 -5.29 12.93 -24.10
N ILE B 178 -4.47 13.96 -23.97
CA ILE B 178 -4.28 14.58 -22.69
C ILE B 178 -4.93 15.96 -22.60
N ALA B 179 -5.09 16.64 -23.73
CA ALA B 179 -5.79 17.92 -23.72
C ALA B 179 -7.23 17.77 -23.24
N ARG B 180 -7.83 16.61 -23.46
CA ARG B 180 -9.17 16.36 -22.96
C ARG B 180 -9.28 16.52 -21.46
N LEU B 181 -8.18 16.38 -20.73
CA LEU B 181 -8.21 16.47 -19.29
C LEU B 181 -8.40 17.90 -18.80
N GLY B 182 -8.42 18.86 -19.70
CA GLY B 182 -8.82 20.20 -19.34
C GLY B 182 -10.31 20.42 -19.27
N LEU B 183 -11.09 19.42 -19.64
CA LEU B 183 -12.53 19.49 -19.53
C LEU B 183 -12.95 19.00 -18.15
N PRO B 184 -13.62 19.81 -17.36
CA PRO B 184 -14.01 19.37 -16.02
C PRO B 184 -14.83 18.09 -16.08
N VAL B 185 -14.54 17.18 -15.15
CA VAL B 185 -15.23 15.90 -15.07
C VAL B 185 -16.48 16.10 -14.20
N PRO B 186 -17.68 15.91 -14.74
CA PRO B 186 -18.87 16.14 -13.92
C PRO B 186 -18.89 15.38 -12.61
N ALA B 187 -18.47 14.13 -12.59
CA ALA B 187 -18.55 13.35 -11.36
C ALA B 187 -17.60 13.88 -10.30
N LEU B 188 -16.51 14.53 -10.71
CA LEU B 188 -15.55 15.08 -9.78
C LEU B 188 -15.86 16.52 -9.39
N GLY B 189 -16.48 17.26 -10.29
CA GLY B 189 -16.71 18.67 -10.05
C GLY B 189 -15.43 19.45 -9.94
N ASN B 190 -14.38 19.00 -10.61
CA ASN B 190 -13.09 19.65 -10.49
C ASN B 190 -13.07 20.98 -11.22
N SER B 191 -12.16 21.84 -10.80
CA SER B 191 -12.03 23.19 -11.34
C SER B 191 -10.67 23.74 -10.97
N GLU B 192 -10.46 25.01 -11.28
CA GLU B 192 -9.21 25.67 -10.91
C GLU B 192 -9.03 25.76 -9.40
N ARG B 193 -10.08 25.59 -8.62
CA ARG B 193 -9.98 25.72 -7.17
C ARG B 193 -9.29 24.52 -6.52
N ASP B 194 -9.02 23.47 -7.28
CA ASP B 194 -8.55 22.22 -6.71
C ASP B 194 -7.02 22.16 -6.64
N CYS B 195 -6.55 21.14 -5.94
CA CYS B 195 -5.13 20.88 -5.81
C CYS B 195 -4.88 19.39 -6.01
N TYR B 196 -3.89 19.07 -6.82
CA TYR B 196 -3.53 17.71 -7.19
C TYR B 196 -2.15 17.38 -6.65
N LEU B 197 -1.90 16.10 -6.43
CA LEU B 197 -0.60 15.60 -5.99
C LEU B 197 0.05 14.81 -7.11
N GLN B 198 1.25 15.21 -7.49
CA GLN B 198 1.98 14.45 -8.52
C GLN B 198 2.82 13.38 -7.80
N ILE B 199 2.39 12.14 -7.92
CA ILE B 199 3.09 11.03 -7.26
C ILE B 199 3.23 9.82 -8.17
N ALA B 200 2.35 9.69 -9.17
CA ALA B 200 2.48 8.58 -10.09
C ALA B 200 3.74 8.68 -10.93
N ASP B 201 4.36 7.54 -11.17
CA ASP B 201 5.45 7.39 -12.12
C ASP B 201 5.11 8.08 -13.43
N ILE B 202 6.01 8.94 -13.93
CA ILE B 202 5.72 9.67 -15.16
C ILE B 202 5.64 8.76 -16.37
N SER B 203 6.16 7.54 -16.28
CA SER B 203 6.08 6.61 -17.39
C SER B 203 4.73 5.91 -17.47
N PHE B 204 3.85 6.17 -16.53
CA PHE B 204 2.51 5.61 -16.49
C PHE B 204 1.50 6.58 -17.07
N ALA B 205 0.54 6.05 -17.82
CA ALA B 205 -0.56 6.87 -18.26
C ALA B 205 -1.24 7.59 -17.10
N ALA B 206 -1.28 6.95 -15.93
CA ALA B 206 -1.99 7.53 -14.80
C ALA B 206 -1.39 8.84 -14.33
N SER B 207 -0.10 9.06 -14.58
CA SER B 207 0.51 10.32 -14.19
C SER B 207 -0.10 11.49 -14.92
N ALA B 208 -0.63 11.24 -16.12
CA ALA B 208 -1.27 12.31 -16.87
C ALA B 208 -2.49 12.84 -16.16
N ASN B 209 -3.22 11.96 -15.47
CA ASN B 209 -4.34 12.39 -14.66
C ASN B 209 -3.93 13.55 -13.76
N GLU B 210 -2.84 13.37 -13.02
CA GLU B 210 -2.44 14.36 -12.04
C GLU B 210 -1.88 15.61 -12.72
N ILE B 211 -0.97 15.42 -13.66
CA ILE B 211 -0.27 16.53 -14.26
C ILE B 211 -1.21 17.42 -15.07
N TRP B 212 -1.98 16.82 -15.98
CA TRP B 212 -2.69 17.62 -16.95
C TRP B 212 -4.10 18.01 -16.52
N MET B 213 -4.75 17.22 -15.68
CA MET B 213 -5.97 17.71 -15.06
C MET B 213 -5.70 18.95 -14.22
N ALA B 214 -4.54 19.01 -13.56
CA ALA B 214 -4.21 20.20 -12.82
C ALA B 214 -3.86 21.35 -13.76
N LEU B 215 -2.84 21.18 -14.59
CA LEU B 215 -2.29 22.30 -15.33
C LEU B 215 -3.21 22.80 -16.44
N LEU B 216 -4.14 22.00 -16.93
CA LEU B 216 -5.03 22.45 -17.99
C LEU B 216 -6.38 22.92 -17.45
N THR B 217 -6.53 23.01 -16.14
CA THR B 217 -7.73 23.59 -15.54
C THR B 217 -7.45 24.81 -14.68
N GLY B 218 -6.19 25.14 -14.42
CA GLY B 218 -5.86 26.21 -13.52
C GLY B 218 -5.69 25.80 -12.07
N ALA B 219 -5.75 24.52 -11.78
CA ALA B 219 -5.56 24.01 -10.45
C ALA B 219 -4.08 23.93 -10.11
N CYS B 220 -3.82 23.57 -8.86
CA CYS B 220 -2.48 23.51 -8.32
C CYS B 220 -1.97 22.08 -8.34
N LEU B 221 -0.72 21.90 -8.78
CA LEU B 221 -0.05 20.61 -8.76
C LEU B 221 1.06 20.66 -7.71
N THR B 222 0.83 20.01 -6.57
CA THR B 222 1.88 19.90 -5.57
C THR B 222 2.68 18.62 -5.84
N ILE B 223 4.00 18.75 -5.84
CA ILE B 223 4.91 17.75 -6.39
C ILE B 223 5.50 16.93 -5.26
N ALA B 224 5.30 15.62 -5.32
CA ALA B 224 5.84 14.74 -4.30
C ALA B 224 7.36 14.67 -4.42
N PRO B 225 8.04 14.41 -3.31
CA PRO B 225 9.48 14.33 -3.35
C PRO B 225 9.90 13.16 -4.22
N PRO B 226 11.07 13.25 -4.86
CA PRO B 226 11.56 12.12 -5.63
C PRO B 226 11.79 10.89 -4.78
N GLY B 227 11.77 9.74 -5.42
CA GLY B 227 12.06 8.47 -4.78
C GLY B 227 10.80 7.75 -4.37
N LEU B 228 11.01 6.60 -3.74
CA LEU B 228 9.90 5.77 -3.31
C LEU B 228 9.09 6.52 -2.26
N PRO B 229 7.81 6.18 -2.13
CA PRO B 229 6.93 6.93 -1.24
C PRO B 229 7.40 6.95 0.21
N ASP B 230 7.33 8.13 0.81
CA ASP B 230 7.51 8.33 2.24
C ASP B 230 6.19 8.86 2.77
N LEU B 231 5.40 7.99 3.41
CA LEU B 231 4.03 8.36 3.72
C LEU B 231 3.95 9.41 4.80
N MET B 232 4.99 9.51 5.64
N MET B 232 4.98 9.52 5.67
CA MET B 232 5.06 10.61 6.59
CA MET B 232 5.04 10.64 6.60
C MET B 232 5.05 11.95 5.87
C MET B 232 5.05 11.96 5.87
N ALA B 233 5.95 12.13 4.90
CA ALA B 233 5.99 13.38 4.18
C ALA B 233 4.76 13.57 3.32
N LEU B 234 4.27 12.50 2.70
CA LEU B 234 3.09 12.62 1.86
C LEU B 234 1.86 13.01 2.66
N ALA B 235 1.68 12.42 3.84
CA ALA B 235 0.54 12.79 4.66
C ALA B 235 0.60 14.26 5.02
N ARG B 236 1.78 14.75 5.35
CA ARG B 236 1.93 16.15 5.71
C ARG B 236 1.74 17.05 4.50
N GLN B 237 2.15 16.58 3.33
CA GLN B 237 2.00 17.36 2.11
C GLN B 237 0.55 17.46 1.67
N ILE B 238 -0.19 16.35 1.76
CA ILE B 238 -1.60 16.35 1.40
C ILE B 238 -2.38 17.33 2.28
N GLU B 239 -2.01 17.39 3.55
CA GLU B 239 -2.68 18.29 4.48
C GLU B 239 -2.23 19.73 4.28
N SER B 240 -0.92 19.96 4.23
CA SER B 240 -0.40 21.32 4.17
C SER B 240 -0.81 22.02 2.89
N ASP B 241 -0.81 21.31 1.78
CA ASP B 241 -1.21 21.90 0.51
C ASP B 241 -2.67 21.64 0.17
N ASN B 242 -3.40 20.96 1.04
CA ASN B 242 -4.84 20.71 0.91
C ASN B 242 -5.17 20.15 -0.48
N VAL B 243 -4.62 18.99 -0.75
CA VAL B 243 -4.94 18.26 -1.97
C VAL B 243 -6.42 17.91 -1.95
N THR B 244 -7.14 18.32 -2.99
CA THR B 244 -8.57 18.05 -3.08
C THR B 244 -8.94 17.00 -4.12
N MET B 245 -8.06 16.74 -5.07
CA MET B 245 -8.21 15.68 -6.05
C MET B 245 -6.99 14.79 -5.91
N LEU B 246 -7.17 13.65 -5.25
CA LEU B 246 -6.05 12.78 -4.90
C LEU B 246 -6.16 11.49 -5.69
N PHE B 247 -5.25 11.30 -6.62
CA PHE B 247 -5.16 10.09 -7.40
C PHE B 247 -4.11 9.19 -6.78
N LEU B 248 -4.47 7.93 -6.54
CA LEU B 248 -3.59 6.99 -5.89
C LEU B 248 -3.61 5.65 -6.59
N SER B 249 -2.44 5.03 -6.70
CA SER B 249 -2.37 3.62 -7.06
C SER B 249 -3.10 2.80 -6.02
N GLY B 250 -3.50 1.60 -6.40
CA GLY B 250 -4.17 0.73 -5.46
C GLY B 250 -3.34 0.45 -4.22
N GLY B 251 -2.04 0.29 -4.40
CA GLY B 251 -1.17 0.03 -3.27
C GLY B 251 -1.04 1.21 -2.33
N LEU B 252 -0.89 2.42 -2.88
CA LEU B 252 -0.75 3.57 -2.00
C LEU B 252 -2.06 3.88 -1.30
N PHE B 253 -3.18 3.72 -2.01
CA PHE B 253 -4.48 3.88 -1.37
C PHE B 253 -4.67 2.85 -0.26
N ARG B 254 -4.39 1.59 -0.54
CA ARG B 254 -4.58 0.56 0.47
C ARG B 254 -3.68 0.82 1.67
N LEU B 255 -2.43 1.17 1.43
CA LEU B 255 -1.54 1.42 2.55
C LEU B 255 -2.00 2.62 3.38
N PHE B 256 -2.50 3.67 2.73
CA PHE B 256 -3.05 4.78 3.50
C PHE B 256 -4.25 4.34 4.31
N VAL B 257 -5.11 3.50 3.75
CA VAL B 257 -6.23 2.97 4.53
C VAL B 257 -5.70 2.27 5.77
N GLU B 258 -4.61 1.53 5.62
CA GLU B 258 -4.11 0.70 6.70
C GLU B 258 -3.42 1.50 7.79
N VAL B 259 -2.72 2.57 7.46
CA VAL B 259 -1.87 3.24 8.44
C VAL B 259 -2.21 4.71 8.66
N SER B 260 -2.93 5.38 7.76
CA SER B 260 -3.26 6.79 7.96
C SER B 260 -4.53 7.16 7.21
N VAL B 261 -5.65 6.53 7.56
CA VAL B 261 -6.88 6.71 6.79
C VAL B 261 -7.41 8.13 6.90
N GLU B 262 -6.98 8.87 7.91
CA GLU B 262 -7.40 10.25 8.05
C GLU B 262 -6.95 11.09 6.85
N THR B 263 -5.82 10.75 6.27
CA THR B 263 -5.33 11.47 5.11
C THR B 263 -6.32 11.39 3.94
N LEU B 264 -7.01 10.27 3.81
CA LEU B 264 -7.94 10.08 2.70
C LEU B 264 -9.21 10.89 2.85
N HIS B 265 -9.49 11.42 4.03
CA HIS B 265 -10.65 12.26 4.24
C HIS B 265 -10.40 13.74 3.97
N ILE B 266 -9.15 14.13 3.76
CA ILE B 266 -8.83 15.51 3.43
C ILE B 266 -9.36 15.92 2.06
N PRO B 267 -9.18 15.13 1.01
CA PRO B 267 -9.61 15.58 -0.32
C PRO B 267 -11.13 15.58 -0.46
N ASP B 268 -11.59 16.24 -1.51
CA ASP B 268 -12.97 16.12 -1.93
C ASP B 268 -13.22 14.81 -2.68
N CYS B 269 -12.25 14.38 -3.48
CA CYS B 269 -12.35 13.18 -4.30
C CYS B 269 -11.06 12.38 -4.21
N VAL B 270 -11.21 11.07 -4.07
CA VAL B 270 -10.09 10.14 -4.13
C VAL B 270 -10.36 9.17 -5.27
N VAL B 271 -9.43 9.09 -6.20
CA VAL B 271 -9.53 8.18 -7.34
C VAL B 271 -8.45 7.12 -7.21
N VAL B 272 -8.84 5.86 -7.26
CA VAL B 272 -7.93 4.74 -7.06
C VAL B 272 -7.65 4.11 -8.41
N SER B 273 -6.40 4.18 -8.83
CA SER B 273 -5.97 3.74 -10.14
C SER B 273 -5.42 2.32 -10.09
N GLY B 274 -5.34 1.71 -11.27
CA GLY B 274 -4.81 0.38 -11.41
C GLY B 274 -5.85 -0.70 -11.19
N ASP B 275 -5.35 -1.91 -11.03
CA ASP B 275 -6.21 -3.06 -10.78
C ASP B 275 -7.00 -2.86 -9.49
N PHE B 276 -8.26 -3.30 -9.51
CA PHE B 276 -9.19 -3.08 -8.40
C PHE B 276 -8.60 -3.48 -7.05
N VAL B 277 -8.84 -2.67 -6.07
CA VAL B 277 -8.43 -2.94 -4.70
C VAL B 277 -9.51 -3.79 -4.04
N ASN B 278 -9.09 -4.68 -3.14
CA ASN B 278 -10.02 -5.50 -2.41
C ASN B 278 -11.14 -4.62 -1.85
N PRO B 279 -12.40 -4.90 -2.17
CA PRO B 279 -13.49 -4.01 -1.80
C PRO B 279 -13.56 -3.73 -0.31
N ARG B 280 -13.09 -4.66 0.50
CA ARG B 280 -13.15 -4.50 1.94
C ARG B 280 -12.40 -3.27 2.39
N LEU B 281 -11.37 -2.90 1.63
CA LEU B 281 -10.53 -1.75 1.94
C LEU B 281 -11.21 -0.43 1.61
N PHE B 282 -12.40 -0.46 1.05
CA PHE B 282 -13.12 0.77 0.79
C PHE B 282 -14.08 1.16 1.90
N SER B 283 -14.43 0.21 2.77
CA SER B 283 -15.47 0.43 3.77
C SER B 283 -15.25 1.69 4.60
N VAL B 284 -14.04 1.87 5.12
CA VAL B 284 -13.84 2.96 6.07
C VAL B 284 -13.79 4.30 5.36
N ALA B 285 -13.19 4.35 4.18
CA ALA B 285 -13.16 5.59 3.41
C ALA B 285 -14.55 5.98 2.94
N VAL B 286 -15.36 5.00 2.58
CA VAL B 286 -16.64 5.33 1.98
C VAL B 286 -17.62 5.77 3.04
N GLN B 287 -17.68 5.05 4.16
CA GLN B 287 -18.68 5.30 5.17
C GLN B 287 -18.54 6.68 5.79
N ALA B 288 -17.31 7.21 5.87
CA ALA B 288 -17.09 8.53 6.45
C ALA B 288 -17.91 9.59 5.75
N GLY B 289 -18.09 9.46 4.43
CA GLY B 289 -18.82 10.46 3.67
C GLY B 289 -18.14 11.80 3.62
N LYS B 290 -16.81 11.82 3.77
N LYS B 290 -16.83 11.81 3.82
CA LYS B 290 -16.00 13.03 3.66
CA LYS B 290 -16.02 13.01 3.62
C LYS B 290 -15.43 13.26 2.26
C LYS B 290 -15.70 13.14 2.14
N ALA B 291 -14.88 12.22 1.63
CA ALA B 291 -14.40 12.30 0.27
C ALA B 291 -15.21 11.35 -0.59
N LYS B 292 -15.45 11.75 -1.83
CA LYS B 292 -16.06 10.84 -2.78
C LYS B 292 -14.97 9.90 -3.25
N ILE B 293 -15.21 8.60 -3.13
CA ILE B 293 -14.23 7.58 -3.48
C ILE B 293 -14.62 6.97 -4.82
N PHE B 294 -13.68 6.92 -5.74
CA PHE B 294 -13.89 6.44 -7.09
C PHE B 294 -12.91 5.32 -7.41
N ASN B 295 -13.39 4.31 -8.12
CA ASN B 295 -12.50 3.42 -8.83
C ASN B 295 -12.25 4.02 -10.21
N GLY B 296 -10.98 4.17 -10.55
CA GLY B 296 -10.61 4.71 -11.84
C GLY B 296 -10.22 3.59 -12.79
N LEU B 297 -10.81 3.60 -13.97
CA LEU B 297 -10.45 2.69 -15.03
C LEU B 297 -9.60 3.46 -16.05
N GLY B 298 -8.39 2.98 -16.25
CA GLY B 298 -7.48 3.61 -17.15
C GLY B 298 -6.99 2.67 -18.22
N CYS B 299 -6.41 3.23 -19.27
CA CYS B 299 -5.98 2.43 -20.40
C CYS B 299 -4.91 3.22 -21.12
N THR B 300 -3.71 2.67 -21.21
CA THR B 300 -2.61 3.37 -21.87
C THR B 300 -3.01 3.79 -23.28
N GLU B 301 -3.72 2.91 -23.99
CA GLU B 301 -4.16 3.19 -25.34
C GLU B 301 -5.33 4.18 -25.38
N ASN B 302 -5.82 4.64 -24.23
CA ASN B 302 -6.73 5.77 -24.18
C ASN B 302 -6.11 6.96 -23.46
N SER B 303 -4.79 6.96 -23.34
CA SER B 303 -3.97 8.11 -22.95
C SER B 303 -3.95 8.37 -21.46
N ALA B 304 -5.03 8.09 -20.76
CA ALA B 304 -5.13 8.43 -19.36
C ALA B 304 -6.37 7.79 -18.75
N ILE B 305 -6.72 8.25 -17.55
CA ILE B 305 -7.96 7.84 -16.91
C ILE B 305 -9.12 7.98 -17.89
N SER B 306 -9.97 6.96 -17.92
CA SER B 306 -11.01 6.87 -18.93
C SER B 306 -12.42 6.82 -18.38
N SER B 307 -12.62 6.23 -17.20
CA SER B 307 -13.93 6.21 -16.57
C SER B 307 -13.76 6.14 -15.07
N LEU B 308 -14.83 6.53 -14.38
CA LEU B 308 -14.87 6.60 -12.92
C LEU B 308 -16.14 5.95 -12.40
N TYR B 309 -15.99 5.05 -11.45
CA TYR B 309 -17.13 4.49 -10.75
C TYR B 309 -17.14 5.02 -9.33
N HIS B 310 -18.18 5.79 -9.01
CA HIS B 310 -18.34 6.31 -7.66
C HIS B 310 -18.79 5.21 -6.73
N ILE B 311 -17.95 4.88 -5.75
CA ILE B 311 -18.23 3.83 -4.80
C ILE B 311 -19.09 4.41 -3.69
N GLN B 312 -20.38 4.16 -3.76
CA GLN B 312 -21.30 4.54 -2.71
C GLN B 312 -21.40 3.47 -1.63
N SER B 313 -21.05 2.23 -1.94
CA SER B 313 -21.12 1.15 -0.98
C SER B 313 -20.01 0.15 -1.27
N ALA B 314 -19.13 -0.05 -0.29
CA ALA B 314 -18.12 -1.08 -0.44
C ALA B 314 -18.70 -2.47 -0.26
N ALA B 315 -19.72 -2.61 0.58
CA ALA B 315 -20.41 -3.87 0.72
C ALA B 315 -21.01 -4.35 -0.60
N ALA B 316 -21.43 -3.42 -1.45
CA ALA B 316 -22.03 -3.82 -2.72
C ALA B 316 -21.00 -4.43 -3.65
N LEU B 317 -19.75 -4.00 -3.53
CA LEU B 317 -18.69 -4.51 -4.37
C LEU B 317 -18.19 -5.85 -3.90
N SER B 318 -18.22 -6.08 -2.59
CA SER B 318 -17.83 -7.35 -2.00
C SER B 318 -18.77 -8.47 -2.42
N PRO B 322 -18.48 -9.13 -10.73
CA PRO B 322 -18.23 -8.22 -11.86
C PRO B 322 -17.98 -6.81 -11.38
N VAL B 323 -16.97 -6.14 -11.91
CA VAL B 323 -16.63 -4.78 -11.51
C VAL B 323 -17.19 -3.81 -12.56
N PRO B 324 -17.99 -2.84 -12.16
CA PRO B 324 -18.50 -1.86 -13.12
C PRO B 324 -17.40 -0.90 -13.52
N VAL B 325 -17.47 -0.44 -14.77
CA VAL B 325 -16.48 0.51 -15.25
C VAL B 325 -16.85 1.94 -14.90
N GLY B 326 -18.10 2.22 -14.63
CA GLY B 326 -18.52 3.56 -14.28
C GLY B 326 -18.80 4.44 -15.47
N THR B 327 -18.73 5.74 -15.23
CA THR B 327 -19.09 6.74 -16.22
C THR B 327 -17.85 7.26 -16.93
N PRO B 328 -17.80 7.18 -18.24
CA PRO B 328 -16.64 7.68 -18.97
C PRO B 328 -16.43 9.17 -18.79
N LEU B 329 -15.18 9.56 -18.91
CA LEU B 329 -14.78 10.94 -18.85
C LEU B 329 -15.27 11.70 -20.07
N PRO B 330 -15.23 13.04 -20.04
CA PRO B 330 -15.66 13.82 -21.19
C PRO B 330 -14.95 13.38 -22.46
N LEU B 331 -15.71 13.30 -23.54
CA LEU B 331 -15.26 12.94 -24.87
C LEU B 331 -14.79 11.50 -24.96
N VAL B 332 -15.10 10.69 -23.96
CA VAL B 332 -14.79 9.27 -23.99
C VAL B 332 -16.07 8.49 -24.16
N GLU B 333 -16.04 7.47 -25.02
CA GLU B 333 -17.16 6.56 -25.22
C GLU B 333 -16.69 5.14 -24.94
N MET B 334 -17.53 4.38 -24.25
CA MET B 334 -17.25 2.99 -23.95
C MET B 334 -18.39 2.10 -24.40
N VAL B 335 -18.06 1.02 -25.09
CA VAL B 335 -19.04 0.11 -25.67
C VAL B 335 -18.55 -1.31 -25.46
N VAL B 336 -19.48 -2.21 -25.22
CA VAL B 336 -19.18 -3.65 -25.26
C VAL B 336 -19.61 -4.16 -26.62
N PHE B 337 -18.64 -4.61 -27.42
CA PHE B 337 -18.90 -5.16 -28.74
C PHE B 337 -18.73 -6.67 -28.70
N ASN B 338 -19.56 -7.38 -29.45
CA ASN B 338 -19.39 -8.82 -29.61
C ASN B 338 -18.41 -9.07 -30.73
N GLU B 339 -18.40 -10.29 -31.26
CA GLU B 339 -17.45 -10.67 -32.29
C GLU B 339 -17.92 -10.29 -33.67
N ARG B 340 -19.16 -9.86 -33.81
CA ARG B 340 -19.67 -9.26 -35.02
C ARG B 340 -19.42 -7.75 -35.05
N LEU B 341 -18.74 -7.23 -34.03
CA LEU B 341 -18.52 -5.80 -33.87
C LEU B 341 -19.85 -5.05 -33.84
N GLN B 342 -20.82 -5.65 -33.18
CA GLN B 342 -22.11 -5.11 -32.86
C GLN B 342 -22.24 -4.94 -31.35
N PRO B 343 -22.90 -3.89 -30.90
CA PRO B 343 -23.07 -3.69 -29.46
C PRO B 343 -23.78 -4.88 -28.83
N CYS B 344 -23.25 -5.31 -27.68
CA CYS B 344 -23.82 -6.45 -26.99
C CYS B 344 -25.16 -6.09 -26.36
N THR B 345 -26.01 -7.10 -26.24
CA THR B 345 -27.19 -6.97 -25.40
C THR B 345 -26.88 -7.49 -24.01
N CYS B 346 -27.79 -7.20 -23.07
N CYS B 346 -27.80 -7.21 -23.08
CA CYS B 346 -27.61 -7.66 -21.70
CA CYS B 346 -27.64 -7.66 -21.71
C CYS B 346 -27.52 -9.18 -21.66
C CYS B 346 -27.51 -9.18 -21.68
N GLY B 347 -26.49 -9.68 -20.99
CA GLY B 347 -26.25 -11.09 -20.94
C GLY B 347 -25.42 -11.61 -22.09
N GLU B 348 -25.21 -10.83 -23.13
CA GLU B 348 -24.33 -11.20 -24.22
C GLU B 348 -22.93 -10.71 -23.88
N TYR B 349 -21.96 -11.61 -23.90
CA TYR B 349 -20.60 -11.23 -23.55
C TYR B 349 -19.79 -10.84 -24.76
N GLY B 350 -18.94 -9.85 -24.57
CA GLY B 350 -18.04 -9.37 -25.58
C GLY B 350 -16.83 -8.78 -24.90
N GLU B 351 -16.24 -7.77 -25.52
CA GLU B 351 -15.10 -7.08 -24.95
C GLU B 351 -15.37 -5.59 -24.88
N LEU B 352 -14.69 -4.94 -23.94
CA LEU B 352 -14.75 -3.50 -23.81
C LEU B 352 -13.94 -2.83 -24.92
N PHE B 353 -14.55 -1.87 -25.57
CA PHE B 353 -13.93 -1.00 -26.55
C PHE B 353 -14.06 0.43 -26.09
N ILE B 354 -13.07 1.24 -26.39
CA ILE B 354 -13.03 2.64 -25.97
C ILE B 354 -12.79 3.52 -27.17
N ALA B 355 -13.62 4.56 -27.33
CA ALA B 355 -13.45 5.53 -28.40
C ALA B 355 -13.40 6.94 -27.81
N GLY B 356 -13.10 7.90 -28.67
CA GLY B 356 -13.16 9.29 -28.31
C GLY B 356 -11.81 9.98 -28.31
N ALA B 357 -11.76 11.12 -27.64
CA ALA B 357 -10.60 11.99 -27.70
C ALA B 357 -9.34 11.33 -27.15
N GLY B 358 -9.48 10.33 -26.32
CA GLY B 358 -8.31 9.72 -25.73
C GLY B 358 -7.63 8.66 -26.54
N VAL B 359 -8.23 8.20 -27.62
CA VAL B 359 -7.69 7.04 -28.31
C VAL B 359 -6.31 7.35 -28.86
N ALA B 360 -5.39 6.45 -28.62
CA ALA B 360 -4.03 6.63 -29.07
C ALA B 360 -3.98 6.66 -30.59
N LEU B 361 -2.88 7.25 -31.11
CA LEU B 361 -2.64 7.25 -32.54
C LEU B 361 -2.26 5.86 -33.04
N GLY B 362 -1.74 5.02 -32.19
CA GLY B 362 -1.49 3.65 -32.54
C GLY B 362 -0.17 3.17 -32.01
N TYR B 363 0.25 2.04 -32.52
CA TYR B 363 1.48 1.37 -32.14
C TYR B 363 2.58 1.68 -33.15
N SER B 364 3.71 0.98 -33.02
CA SER B 364 4.86 1.24 -33.88
C SER B 364 4.72 0.62 -35.25
N ASP B 365 4.04 -0.51 -35.33
CA ASP B 365 3.78 -1.21 -36.57
C ASP B 365 2.31 -1.08 -36.94
N PRO B 366 2.00 -0.66 -38.17
CA PRO B 366 0.59 -0.61 -38.60
C PRO B 366 -0.11 -1.94 -38.51
N GLN B 367 0.61 -3.06 -38.57
CA GLN B 367 -0.06 -4.34 -38.42
C GLN B 367 -0.48 -4.55 -36.97
N LEU B 368 0.31 -4.08 -36.03
CA LEU B 368 -0.13 -4.08 -34.64
C LEU B 368 -1.29 -3.12 -34.44
N THR B 369 -1.19 -1.92 -34.99
CA THR B 369 -2.23 -0.92 -34.83
C THR B 369 -3.56 -1.45 -35.36
N ALA B 370 -3.55 -2.04 -36.55
CA ALA B 370 -4.80 -2.47 -37.17
C ALA B 370 -5.52 -3.55 -36.38
N GLU B 371 -4.81 -4.25 -35.49
CA GLU B 371 -5.43 -5.32 -34.71
C GLU B 371 -6.27 -4.77 -33.56
N ARG B 372 -5.98 -3.57 -33.09
CA ARG B 372 -6.64 -3.06 -31.91
C ARG B 372 -7.32 -1.70 -32.09
N PHE B 373 -7.05 -1.00 -33.17
CA PHE B 373 -7.65 0.29 -33.43
C PHE B 373 -8.53 0.17 -34.67
N ILE B 374 -9.84 0.14 -34.46
CA ILE B 374 -10.80 -0.32 -35.46
C ILE B 374 -11.92 0.71 -35.55
N THR B 375 -12.24 1.13 -36.77
CA THR B 375 -13.37 2.03 -36.97
C THR B 375 -14.65 1.22 -37.02
N ILE B 376 -15.61 1.57 -36.17
CA ILE B 376 -16.81 0.78 -35.99
C ILE B 376 -18.02 1.71 -36.00
N PRO B 377 -19.12 1.32 -36.66
CA PRO B 377 -20.35 2.09 -36.57
C PRO B 377 -20.96 2.02 -35.18
N TYR B 378 -21.37 3.18 -34.67
CA TYR B 378 -22.02 3.24 -33.37
C TYR B 378 -22.91 4.48 -33.34
N GLN B 379 -24.20 4.27 -33.08
CA GLN B 379 -25.16 5.35 -32.88
C GLN B 379 -25.13 6.39 -33.99
N GLY B 380 -25.02 5.93 -35.23
CA GLY B 380 -25.06 6.77 -36.40
C GLY B 380 -23.75 7.44 -36.75
N THR B 381 -22.70 7.20 -35.99
CA THR B 381 -21.38 7.73 -36.24
C THR B 381 -20.42 6.55 -36.42
N ASP B 382 -19.27 6.82 -37.00
CA ASP B 382 -18.24 5.82 -37.12
C ASP B 382 -17.08 6.31 -36.25
N MET B 383 -16.79 5.58 -35.17
CA MET B 383 -15.74 5.97 -34.25
C MET B 383 -14.56 5.00 -34.33
N LEU B 384 -13.37 5.54 -34.15
CA LEU B 384 -12.18 4.73 -33.97
C LEU B 384 -12.13 4.22 -32.54
N PHE B 385 -12.23 2.91 -32.35
CA PHE B 385 -12.22 2.27 -31.06
C PHE B 385 -10.89 1.59 -30.80
N TYR B 386 -10.44 1.64 -29.55
CA TYR B 386 -9.42 0.74 -29.06
C TYR B 386 -10.07 -0.50 -28.45
N ARG B 387 -9.63 -1.68 -28.93
CA ARG B 387 -10.15 -2.95 -28.46
C ARG B 387 -9.33 -3.43 -27.27
N THR B 388 -9.96 -3.50 -26.11
CA THR B 388 -9.29 -4.06 -24.94
C THR B 388 -9.38 -5.57 -24.96
N ASP B 389 -8.72 -6.19 -24.00
CA ASP B 389 -8.85 -7.61 -23.73
C ASP B 389 -9.81 -7.90 -22.59
N ASP B 390 -10.56 -6.90 -22.15
CA ASP B 390 -11.40 -7.01 -20.97
C ASP B 390 -12.76 -7.60 -21.35
N ARG B 391 -12.99 -8.84 -20.95
CA ARG B 391 -14.30 -9.46 -21.11
C ARG B 391 -15.35 -8.65 -20.34
N ALA B 392 -16.49 -8.44 -20.99
CA ALA B 392 -17.47 -7.52 -20.42
C ALA B 392 -18.85 -7.83 -20.95
N THR B 393 -19.84 -7.20 -20.31
CA THR B 393 -21.22 -7.25 -20.75
C THR B 393 -21.91 -6.00 -20.22
N TYR B 394 -23.16 -5.83 -20.63
CA TYR B 394 -24.04 -4.83 -20.07
C TYR B 394 -24.91 -5.49 -19.03
N ASP B 395 -25.00 -4.89 -17.84
CA ASP B 395 -25.91 -5.45 -16.86
C ASP B 395 -27.33 -5.02 -17.19
N GLN B 396 -28.25 -5.40 -16.31
CA GLN B 396 -29.66 -5.12 -16.54
C GLN B 396 -29.96 -3.63 -16.56
N ASP B 397 -29.09 -2.81 -15.96
CA ASP B 397 -29.29 -1.37 -15.96
C ASP B 397 -28.57 -0.70 -17.12
N ARG B 398 -28.13 -1.49 -18.10
CA ARG B 398 -27.32 -1.04 -19.24
C ARG B 398 -26.04 -0.32 -18.81
N ASN B 399 -25.49 -0.68 -17.66
CA ASN B 399 -24.15 -0.27 -17.29
C ASN B 399 -23.16 -1.35 -17.71
N ILE B 400 -21.93 -0.93 -17.98
CA ILE B 400 -20.88 -1.83 -18.41
C ILE B 400 -20.20 -2.43 -17.19
N VAL B 401 -20.06 -3.76 -17.17
CA VAL B 401 -19.34 -4.46 -16.12
C VAL B 401 -18.30 -5.39 -16.73
N LEU B 402 -17.21 -5.56 -16.02
CA LEU B 402 -16.15 -6.46 -16.43
C LEU B 402 -16.29 -7.81 -15.74
N VAL B 403 -16.12 -8.88 -16.50
CA VAL B 403 -16.32 -10.21 -15.97
C VAL B 403 -15.08 -11.07 -16.12
CL CL C . 25.24 -17.92 20.55
CL CL D . 6.31 3.71 16.43
CL CL E . -14.69 -6.48 25.37
CL CL F . -1.47 -11.90 10.68
K K G . -3.64 -12.20 3.53
BR BR H . -5.57 -5.01 -3.13
N1 EPE I . -8.55 -3.29 -15.85
C2 EPE I . -7.89 -4.32 -16.62
C3 EPE I . -7.05 -3.65 -17.71
N4 EPE I . -7.80 -2.71 -18.54
C5 EPE I . -8.76 -1.92 -17.84
C6 EPE I . -9.49 -2.73 -16.79
C7 EPE I . -6.89 -1.75 -19.13
C8 EPE I . -7.52 -1.30 -20.43
O8 EPE I . -6.91 -2.00 -21.47
C9 EPE I . -9.33 -3.90 -14.80
C10 EPE I . -8.41 -4.74 -13.91
S EPE I . -9.35 -5.15 -12.43
O1S EPE I . -10.53 -6.01 -12.71
O2S EPE I . -9.80 -3.87 -11.80
O3S EPE I . -8.56 -6.03 -11.50
CL CL J . -5.78 34.70 -11.31
CL CL K . 11.17 10.98 -9.14
CL CL L . -5.54 5.67 -14.90
#